data_1F7T
#
_entry.id   1F7T
#
_cell.length_a   76.262
_cell.length_b   76.160
_cell.length_c   85.693
_cell.angle_alpha   90.00
_cell.angle_beta   93.32
_cell.angle_gamma   90.00
#
_symmetry.space_group_name_H-M   'P 1 21 1'
#
loop_
_entity.id
_entity.type
_entity.pdbx_description
1 polymer 'HOLO-(ACYL CARRIER PROTEIN) SYNTHASE'
2 non-polymer 'SODIUM ION'
3 non-polymer 'CHLORIDE ION'
4 non-polymer 2,3-DIHYDROXY-1,4-DITHIOBUTANE
5 non-polymer GLYCEROL
6 water water
#
_entity_poly.entity_id   1
_entity_poly.type   'polypeptide(L)'
_entity_poly.pdbx_seq_one_letter_code
;GGIYGIGLDITELKRIASMAGRQKRFAERILTRSELDQYYELSEKRKNEFLAGRFAAKEAFSKAFGTGIGRQLSFQDIEI
RKDQNGKPYIICTKLSPAAVHVSITHTKEYAAAQVVIERLSS
;
_entity_poly.pdbx_strand_id   A,B,C,D,E,F
#
# COMPACT_ATOMS: atom_id res chain seq x y z
N GLY A 2 -32.90 3.70 13.99
CA GLY A 2 -31.83 3.34 12.99
C GLY A 2 -31.28 1.96 13.26
N ILE A 3 -30.04 1.73 12.85
CA ILE A 3 -29.42 0.43 13.07
C ILE A 3 -28.57 0.49 14.32
N TYR A 4 -28.76 -0.48 15.20
CA TYR A 4 -27.99 -0.52 16.43
C TYR A 4 -26.66 -1.22 16.19
N GLY A 5 -26.69 -2.34 15.48
CA GLY A 5 -25.47 -3.08 15.21
C GLY A 5 -25.73 -4.21 14.23
N ILE A 6 -24.66 -4.75 13.65
CA ILE A 6 -24.80 -5.87 12.72
C ILE A 6 -23.76 -6.90 13.10
N GLY A 7 -23.98 -8.14 12.70
CA GLY A 7 -23.04 -9.20 13.02
C GLY A 7 -23.02 -10.26 11.95
N LEU A 8 -21.83 -10.81 11.73
CA LEU A 8 -21.63 -11.82 10.72
C LEU A 8 -20.72 -12.90 11.32
N ASP A 9 -20.99 -14.16 10.98
CA ASP A 9 -20.16 -15.25 11.46
C ASP A 9 -20.13 -16.39 10.45
N ILE A 10 -18.96 -16.99 10.27
CA ILE A 10 -18.86 -18.15 9.41
C ILE A 10 -18.18 -19.16 10.31
N THR A 11 -18.73 -20.37 10.37
CA THR A 11 -18.16 -21.41 11.21
C THR A 11 -17.90 -22.67 10.38
N GLU A 12 -16.72 -23.25 10.56
CA GLU A 12 -16.34 -24.48 9.86
C GLU A 12 -16.98 -25.65 10.59
N LEU A 13 -17.79 -26.45 9.90
CA LEU A 13 -18.46 -27.58 10.55
C LEU A 13 -17.46 -28.51 11.25
N LYS A 14 -16.30 -28.72 10.62
CA LYS A 14 -15.27 -29.58 11.18
C LYS A 14 -14.84 -29.10 12.56
N ARG A 15 -14.75 -27.78 12.70
CA ARG A 15 -14.35 -27.18 13.97
C ARG A 15 -15.38 -27.46 15.04
N ILE A 16 -16.65 -27.35 14.67
CA ILE A 16 -17.75 -27.59 15.60
C ILE A 16 -17.66 -29.05 16.06
N ALA A 17 -17.25 -29.93 15.16
CA ALA A 17 -17.11 -31.34 15.51
C ALA A 17 -15.93 -31.46 16.47
N SER A 18 -14.85 -30.73 16.19
CA SER A 18 -13.65 -30.73 17.04
C SER A 18 -13.92 -30.22 18.44
N MET A 19 -14.53 -29.04 18.55
CA MET A 19 -14.85 -28.44 19.83
C MET A 19 -15.84 -29.32 20.60
N ALA A 20 -16.85 -29.82 19.88
CA ALA A 20 -17.87 -30.66 20.50
C ALA A 20 -17.27 -31.80 21.30
N GLY A 21 -16.94 -32.89 20.61
CA GLY A 21 -16.39 -34.06 21.27
C GLY A 21 -15.30 -33.81 22.30
N ARG A 22 -14.50 -32.77 22.08
CA ARG A 22 -13.41 -32.44 23.01
C ARG A 22 -13.92 -31.66 24.22
N GLN A 23 -15.01 -32.15 24.81
CA GLN A 23 -15.61 -31.53 26.01
C GLN A 23 -16.63 -32.44 26.70
N LYS A 24 -17.85 -32.48 26.19
CA LYS A 24 -18.88 -33.33 26.79
C LYS A 24 -19.96 -32.48 27.43
N ARG A 25 -20.01 -31.21 27.01
CA ARG A 25 -20.98 -30.26 27.50
C ARG A 25 -21.15 -29.11 26.49
N PHE A 26 -20.47 -29.23 25.36
CA PHE A 26 -20.53 -28.19 24.34
C PHE A 26 -21.90 -27.90 23.74
N ALA A 27 -22.59 -28.92 23.23
CA ALA A 27 -23.91 -28.69 22.62
C ALA A 27 -24.89 -28.14 23.64
N GLU A 28 -24.84 -28.66 24.86
CA GLU A 28 -25.75 -28.22 25.90
C GLU A 28 -25.47 -26.79 26.37
N ARG A 29 -24.26 -26.31 26.17
CA ARG A 29 -23.94 -24.94 26.55
C ARG A 29 -24.42 -23.99 25.46
N ILE A 30 -24.36 -24.43 24.20
CA ILE A 30 -24.76 -23.60 23.08
C ILE A 30 -26.27 -23.52 22.84
N LEU A 31 -26.96 -24.63 23.06
CA LEU A 31 -28.38 -24.72 22.80
C LEU A 31 -29.28 -24.62 24.03
N THR A 32 -30.46 -24.04 23.83
CA THR A 32 -31.44 -23.88 24.90
C THR A 32 -32.20 -25.19 24.99
N ARG A 33 -33.06 -25.30 25.99
CA ARG A 33 -33.85 -26.52 26.18
C ARG A 33 -34.66 -26.88 24.94
N SER A 34 -35.36 -25.90 24.38
CA SER A 34 -36.18 -26.11 23.18
C SER A 34 -35.33 -26.57 22.02
N GLU A 35 -34.15 -25.96 21.85
CA GLU A 35 -33.26 -26.32 20.76
C GLU A 35 -32.70 -27.73 20.96
N LEU A 36 -32.39 -28.08 22.20
CA LEU A 36 -31.87 -29.41 22.51
C LEU A 36 -32.90 -30.48 22.19
N ASP A 37 -34.17 -30.18 22.47
CA ASP A 37 -35.25 -31.13 22.19
C ASP A 37 -35.21 -31.52 20.71
N GLN A 38 -34.95 -30.54 19.85
CA GLN A 38 -34.87 -30.80 18.41
C GLN A 38 -33.57 -31.50 18.07
N TYR A 39 -32.47 -31.03 18.64
CA TYR A 39 -31.13 -31.57 18.42
C TYR A 39 -31.02 -33.07 18.70
N TYR A 40 -31.57 -33.51 19.82
CA TYR A 40 -31.48 -34.93 20.19
C TYR A 40 -32.20 -35.88 19.23
N GLU A 41 -33.12 -35.37 18.43
CA GLU A 41 -33.85 -36.20 17.47
C GLU A 41 -33.13 -36.35 16.14
N LEU A 42 -32.03 -35.62 15.96
CA LEU A 42 -31.29 -35.67 14.71
C LEU A 42 -30.17 -36.69 14.60
N SER A 43 -29.80 -37.03 13.37
CA SER A 43 -28.73 -37.99 13.11
C SER A 43 -27.41 -37.31 13.47
N GLU A 44 -26.33 -38.07 13.56
CA GLU A 44 -25.06 -37.47 13.90
C GLU A 44 -24.72 -36.35 12.91
N LYS A 45 -24.94 -36.62 11.62
CA LYS A 45 -24.66 -35.63 10.59
C LYS A 45 -25.51 -34.37 10.76
N ARG A 46 -26.81 -34.55 10.91
CA ARG A 46 -27.73 -33.44 11.06
C ARG A 46 -27.47 -32.66 12.35
N LYS A 47 -27.05 -33.38 13.39
CA LYS A 47 -26.75 -32.71 14.66
C LYS A 47 -25.65 -31.67 14.47
N ASN A 48 -24.61 -32.04 13.74
CA ASN A 48 -23.49 -31.14 13.49
C ASN A 48 -23.94 -29.90 12.68
N GLU A 49 -24.77 -30.11 11.67
CA GLU A 49 -25.26 -29.00 10.83
C GLU A 49 -26.15 -28.06 11.65
N PHE A 50 -27.03 -28.66 12.46
CA PHE A 50 -27.95 -27.91 13.30
C PHE A 50 -27.17 -27.08 14.33
N LEU A 51 -26.20 -27.73 14.98
CA LEU A 51 -25.42 -27.07 16.00
C LEU A 51 -24.56 -25.96 15.39
N ALA A 52 -23.96 -26.24 14.23
CA ALA A 52 -23.13 -25.25 13.56
C ALA A 52 -23.96 -24.02 13.19
N GLY A 53 -25.17 -24.26 12.69
CA GLY A 53 -26.06 -23.16 12.30
C GLY A 53 -26.46 -22.30 13.47
N ARG A 54 -26.76 -22.94 14.60
CA ARG A 54 -27.16 -22.24 15.82
C ARG A 54 -25.98 -21.46 16.39
N PHE A 55 -24.82 -22.08 16.38
CA PHE A 55 -23.61 -21.46 16.88
C PHE A 55 -23.32 -20.18 16.08
N ALA A 56 -23.42 -20.30 14.76
CA ALA A 56 -23.15 -19.14 13.89
C ALA A 56 -24.15 -18.00 14.11
N ALA A 57 -25.43 -18.36 14.23
CA ALA A 57 -26.48 -17.36 14.44
C ALA A 57 -26.30 -16.64 15.77
N LYS A 58 -25.99 -17.39 16.82
CA LYS A 58 -25.80 -16.79 18.12
C LYS A 58 -24.53 -15.95 18.17
N GLU A 59 -23.46 -16.40 17.49
CA GLU A 59 -22.23 -15.62 17.45
C GLU A 59 -22.50 -14.31 16.70
N ALA A 60 -23.22 -14.39 15.57
CA ALA A 60 -23.54 -13.18 14.80
C ALA A 60 -24.40 -12.24 15.67
N PHE A 61 -25.36 -12.81 16.38
CA PHE A 61 -26.21 -11.97 17.22
C PHE A 61 -25.36 -11.26 18.28
N SER A 62 -24.42 -12.00 18.89
CA SER A 62 -23.59 -11.41 19.93
C SER A 62 -22.71 -10.28 19.40
N LYS A 63 -22.36 -10.36 18.12
CA LYS A 63 -21.53 -9.32 17.50
C LYS A 63 -22.39 -8.08 17.22
N ALA A 64 -23.60 -8.30 16.76
CA ALA A 64 -24.52 -7.20 16.49
C ALA A 64 -24.86 -6.51 17.82
N PHE A 65 -24.95 -7.31 18.88
CA PHE A 65 -25.26 -6.82 20.22
C PHE A 65 -24.09 -5.97 20.71
N GLY A 66 -22.91 -6.18 20.12
CA GLY A 66 -21.72 -5.41 20.45
C GLY A 66 -20.81 -5.88 21.58
N THR A 67 -21.17 -6.99 22.20
CA THR A 67 -20.40 -7.52 23.32
C THR A 67 -19.78 -8.90 23.09
N GLY A 68 -20.35 -9.66 22.17
CA GLY A 68 -19.85 -11.01 21.95
C GLY A 68 -20.41 -11.85 23.10
N ILE A 69 -20.12 -13.14 23.11
CA ILE A 69 -20.62 -13.99 24.18
C ILE A 69 -19.70 -13.85 25.38
N GLY A 70 -20.29 -13.66 26.56
CA GLY A 70 -19.49 -13.50 27.76
C GLY A 70 -20.36 -13.11 28.93
N ARG A 71 -19.82 -12.27 29.81
CA ARG A 71 -20.54 -11.82 30.98
C ARG A 71 -21.85 -11.09 30.68
N GLN A 72 -21.88 -10.33 29.60
CA GLN A 72 -23.07 -9.56 29.26
C GLN A 72 -24.12 -10.30 28.42
N LEU A 73 -23.74 -11.43 27.83
CA LEU A 73 -24.67 -12.18 27.00
C LEU A 73 -24.26 -13.63 26.87
N SER A 74 -25.20 -14.52 27.17
CA SER A 74 -24.94 -15.96 27.11
C SER A 74 -25.63 -16.63 25.92
N PHE A 75 -25.09 -17.76 25.48
CA PHE A 75 -25.71 -18.51 24.39
C PHE A 75 -27.14 -18.86 24.84
N GLN A 76 -27.31 -19.06 26.14
CA GLN A 76 -28.62 -19.42 26.67
C GLN A 76 -29.62 -18.27 26.61
N ASP A 77 -29.14 -17.06 26.39
CA ASP A 77 -30.01 -15.89 26.31
C ASP A 77 -30.60 -15.75 24.92
N ILE A 78 -30.13 -16.56 23.98
CA ILE A 78 -30.59 -16.45 22.60
C ILE A 78 -31.19 -17.75 22.09
N GLU A 79 -32.36 -17.67 21.47
CA GLU A 79 -32.99 -18.85 20.91
C GLU A 79 -33.44 -18.59 19.48
N ILE A 80 -33.10 -19.51 18.59
CA ILE A 80 -33.50 -19.40 17.20
C ILE A 80 -34.69 -20.32 16.98
N ARG A 81 -35.67 -19.84 16.24
CA ARG A 81 -36.85 -20.61 15.89
C ARG A 81 -37.14 -20.35 14.43
N LYS A 82 -38.06 -21.12 13.87
CA LYS A 82 -38.46 -20.92 12.49
C LYS A 82 -39.94 -20.61 12.47
N ASP A 83 -40.36 -19.65 11.66
CA ASP A 83 -41.76 -19.34 11.61
C ASP A 83 -42.45 -20.35 10.71
N GLN A 84 -43.73 -20.16 10.44
CA GLN A 84 -44.47 -21.10 9.61
C GLN A 84 -43.99 -21.23 8.17
N ASN A 85 -43.17 -20.28 7.72
CA ASN A 85 -42.63 -20.34 6.36
C ASN A 85 -41.24 -20.95 6.38
N GLY A 86 -40.77 -21.32 7.56
CA GLY A 86 -39.44 -21.90 7.67
C GLY A 86 -38.35 -20.85 7.84
N LYS A 87 -38.75 -19.59 8.01
CA LYS A 87 -37.79 -18.49 8.18
C LYS A 87 -37.29 -18.38 9.62
N PRO A 88 -35.98 -18.42 9.83
CA PRO A 88 -35.50 -18.31 11.20
C PRO A 88 -35.61 -16.90 11.79
N TYR A 89 -35.89 -16.83 13.07
CA TYR A 89 -35.97 -15.55 13.75
C TYR A 89 -35.43 -15.78 15.15
N ILE A 90 -35.00 -14.70 15.78
CA ILE A 90 -34.42 -14.78 17.11
C ILE A 90 -35.29 -14.19 18.20
N ILE A 91 -35.27 -14.86 19.36
CA ILE A 91 -35.98 -14.37 20.53
C ILE A 91 -34.86 -14.20 21.53
N CYS A 92 -34.71 -13.00 22.08
CA CYS A 92 -33.65 -12.76 23.05
C CYS A 92 -34.22 -11.95 24.19
N THR A 93 -34.11 -12.52 25.40
CA THR A 93 -34.62 -11.89 26.61
C THR A 93 -34.06 -10.51 26.92
N LYS A 94 -33.10 -10.04 26.12
CA LYS A 94 -32.52 -8.72 26.37
C LYS A 94 -33.04 -7.60 25.47
N LEU A 95 -33.90 -7.94 24.52
CA LEU A 95 -34.48 -6.95 23.62
C LEU A 95 -35.72 -7.47 22.90
N SER A 96 -36.42 -6.57 22.21
CA SER A 96 -37.62 -6.96 21.49
C SER A 96 -37.27 -7.71 20.19
N PRO A 97 -37.98 -8.82 19.93
CA PRO A 97 -37.74 -9.60 18.72
C PRO A 97 -38.02 -8.78 17.46
N ALA A 98 -38.85 -7.75 17.61
CA ALA A 98 -39.20 -6.87 16.50
C ALA A 98 -37.97 -6.11 15.99
N ALA A 99 -37.01 -5.92 16.88
CA ALA A 99 -35.80 -5.18 16.52
C ALA A 99 -34.71 -6.06 15.92
N VAL A 100 -34.95 -7.38 15.85
CA VAL A 100 -33.93 -8.32 15.35
C VAL A 100 -34.27 -9.04 14.05
N HIS A 101 -33.25 -9.17 13.18
CA HIS A 101 -33.37 -9.85 11.90
C HIS A 101 -32.16 -10.78 11.78
N VAL A 102 -32.38 -11.98 11.25
CA VAL A 102 -31.30 -12.94 11.11
C VAL A 102 -31.46 -13.75 9.83
N SER A 103 -30.35 -14.28 9.32
CA SER A 103 -30.42 -15.15 8.15
C SER A 103 -29.33 -16.18 8.38
N ILE A 104 -29.59 -17.42 7.98
CA ILE A 104 -28.64 -18.51 8.18
C ILE A 104 -28.45 -19.24 6.87
N THR A 105 -27.23 -19.67 6.58
CA THR A 105 -26.96 -20.38 5.34
C THR A 105 -25.96 -21.50 5.59
N HIS A 106 -25.88 -22.46 4.68
CA HIS A 106 -24.96 -23.58 4.83
C HIS A 106 -24.32 -23.96 3.49
N THR A 107 -23.18 -24.63 3.57
CA THR A 107 -22.50 -25.21 2.41
C THR A 107 -22.06 -26.56 2.99
N LYS A 108 -21.46 -27.42 2.18
CA LYS A 108 -21.03 -28.72 2.69
C LYS A 108 -20.13 -28.60 3.92
N GLU A 109 -19.20 -27.65 3.89
CA GLU A 109 -18.25 -27.52 5.00
C GLU A 109 -18.43 -26.35 5.97
N TYR A 110 -19.36 -25.44 5.66
CA TYR A 110 -19.55 -24.27 6.51
C TYR A 110 -21.00 -23.95 6.88
N ALA A 111 -21.13 -23.18 7.96
CA ALA A 111 -22.41 -22.67 8.40
C ALA A 111 -22.13 -21.17 8.54
N ALA A 112 -23.07 -20.29 8.19
CA ALA A 112 -22.83 -18.86 8.32
C ALA A 112 -24.14 -18.17 8.69
N ALA A 113 -24.05 -17.02 9.34
CA ALA A 113 -25.26 -16.30 9.71
C ALA A 113 -24.96 -14.82 9.86
N GLN A 114 -25.99 -14.00 9.74
CA GLN A 114 -25.81 -12.56 9.92
C GLN A 114 -27.00 -12.08 10.70
N VAL A 115 -26.80 -11.02 11.45
CA VAL A 115 -27.88 -10.47 12.24
C VAL A 115 -27.83 -8.96 12.12
N VAL A 116 -29.01 -8.35 12.13
CA VAL A 116 -29.09 -6.90 12.16
C VAL A 116 -30.04 -6.56 13.30
N ILE A 117 -29.60 -5.68 14.20
CA ILE A 117 -30.45 -5.24 15.31
C ILE A 117 -30.76 -3.77 15.03
N GLU A 118 -32.04 -3.40 15.13
CA GLU A 118 -32.46 -2.03 14.90
C GLU A 118 -32.80 -1.35 16.21
N ARG A 119 -32.70 -0.03 16.25
CA ARG A 119 -33.06 0.73 17.43
C ARG A 119 -34.54 1.05 17.21
N LEU A 120 -35.38 0.78 18.20
CA LEU A 120 -36.79 1.09 18.05
C LEU A 120 -37.14 2.35 18.85
N GLY B 1 -40.74 3.42 7.93
CA GLY B 1 -39.39 2.86 7.65
C GLY B 1 -39.10 1.57 8.40
N GLY B 2 -37.85 1.11 8.34
CA GLY B 2 -37.49 -0.10 9.03
C GLY B 2 -37.14 -1.22 8.07
N ILE B 3 -36.48 -2.25 8.59
CA ILE B 3 -36.07 -3.39 7.79
C ILE B 3 -37.15 -4.47 7.75
N TYR B 4 -37.45 -4.94 6.56
CA TYR B 4 -38.46 -5.99 6.39
C TYR B 4 -37.83 -7.36 6.63
N GLY B 5 -36.65 -7.57 6.04
CA GLY B 5 -35.96 -8.84 6.21
C GLY B 5 -34.56 -8.78 5.64
N ILE B 6 -33.72 -9.72 6.06
CA ILE B 6 -32.34 -9.79 5.57
C ILE B 6 -32.07 -11.22 5.15
N GLY B 7 -31.12 -11.40 4.24
CA GLY B 7 -30.80 -12.72 3.76
C GLY B 7 -29.32 -12.87 3.45
N LEU B 8 -28.80 -14.07 3.64
CA LEU B 8 -27.40 -14.34 3.41
C LEU B 8 -27.28 -15.70 2.76
N ASP B 9 -26.41 -15.83 1.75
CA ASP B 9 -26.23 -17.12 1.14
C ASP B 9 -24.81 -17.32 0.69
N ILE B 10 -24.30 -18.54 0.88
CA ILE B 10 -22.96 -18.88 0.42
C ILE B 10 -23.19 -20.13 -0.42
N THR B 11 -22.66 -20.13 -1.64
CA THR B 11 -22.83 -21.25 -2.55
C THR B 11 -21.47 -21.75 -3.03
N GLU B 12 -21.30 -23.08 -3.02
CA GLU B 12 -20.05 -23.71 -3.44
C GLU B 12 -20.05 -23.79 -4.98
N LEU B 13 -19.06 -23.18 -5.62
CA LEU B 13 -18.99 -23.20 -7.08
C LEU B 13 -19.02 -24.60 -7.64
N LYS B 14 -18.32 -25.53 -7.00
CA LYS B 14 -18.27 -26.91 -7.48
C LYS B 14 -19.65 -27.54 -7.45
N ARG B 15 -20.50 -27.16 -6.49
CA ARG B 15 -21.83 -27.72 -6.40
C ARG B 15 -22.70 -27.20 -7.54
N ILE B 16 -22.55 -25.92 -7.89
CA ILE B 16 -23.31 -25.34 -9.00
C ILE B 16 -22.93 -26.08 -10.28
N ALA B 17 -21.64 -26.32 -10.46
CA ALA B 17 -21.17 -27.03 -11.64
C ALA B 17 -21.76 -28.44 -11.64
N SER B 18 -21.76 -29.10 -10.49
CA SER B 18 -22.30 -30.43 -10.36
C SER B 18 -23.78 -30.47 -10.75
N MET B 19 -24.50 -29.42 -10.36
CA MET B 19 -25.93 -29.34 -10.67
C MET B 19 -26.18 -28.98 -12.13
N ALA B 20 -25.35 -28.08 -12.66
CA ALA B 20 -25.49 -27.63 -14.04
C ALA B 20 -25.20 -28.75 -15.03
N GLY B 21 -24.25 -29.62 -14.69
CA GLY B 21 -23.89 -30.70 -15.57
C GLY B 21 -24.91 -31.82 -15.62
N ARG B 22 -25.27 -32.36 -14.45
CA ARG B 22 -26.21 -33.46 -14.39
C ARG B 22 -27.66 -33.09 -14.63
N GLN B 23 -27.98 -31.79 -14.57
CA GLN B 23 -29.37 -31.40 -14.77
C GLN B 23 -29.69 -30.81 -16.14
N LYS B 24 -30.99 -30.77 -16.43
CA LYS B 24 -31.55 -30.25 -17.67
C LYS B 24 -30.95 -28.92 -18.12
N ARG B 25 -31.76 -27.89 -17.98
CA ARG B 25 -31.39 -26.52 -18.31
C ARG B 25 -31.42 -25.81 -16.97
N PHE B 26 -30.50 -26.23 -16.09
CA PHE B 26 -30.38 -25.67 -14.76
C PHE B 26 -30.22 -24.15 -14.82
N ALA B 27 -29.29 -23.69 -15.66
CA ALA B 27 -29.03 -22.27 -15.81
C ALA B 27 -30.31 -21.55 -16.20
N GLU B 28 -31.05 -22.16 -17.13
CA GLU B 28 -32.30 -21.60 -17.62
C GLU B 28 -33.35 -21.52 -16.51
N ARG B 29 -33.29 -22.44 -15.57
CA ARG B 29 -34.25 -22.46 -14.46
C ARG B 29 -33.97 -21.33 -13.45
N ILE B 30 -32.70 -21.02 -13.24
CA ILE B 30 -32.31 -20.00 -12.27
C ILE B 30 -32.36 -18.58 -12.81
N LEU B 31 -32.00 -18.43 -14.08
CA LEU B 31 -31.91 -17.14 -14.73
C LEU B 31 -33.09 -16.68 -15.59
N THR B 32 -33.26 -15.37 -15.67
CA THR B 32 -34.30 -14.76 -16.46
C THR B 32 -33.73 -14.62 -17.87
N ARG B 33 -34.57 -14.28 -18.84
CA ARG B 33 -34.10 -14.12 -20.22
C ARG B 33 -32.93 -13.14 -20.35
N SER B 34 -32.99 -12.01 -19.64
CA SER B 34 -31.91 -11.04 -19.73
C SER B 34 -30.60 -11.50 -19.08
N GLU B 35 -30.71 -12.24 -17.98
CA GLU B 35 -29.53 -12.75 -17.29
C GLU B 35 -28.87 -13.78 -18.19
N LEU B 36 -29.71 -14.58 -18.87
CA LEU B 36 -29.21 -15.61 -19.77
C LEU B 36 -28.40 -15.01 -20.91
N ASP B 37 -28.83 -13.87 -21.43
CA ASP B 37 -28.10 -13.22 -22.51
C ASP B 37 -26.70 -12.89 -22.05
N GLN B 38 -26.57 -12.48 -20.80
CA GLN B 38 -25.28 -12.14 -20.22
C GLN B 38 -24.50 -13.45 -20.01
N TYR B 39 -25.20 -14.47 -19.53
CA TYR B 39 -24.61 -15.76 -19.26
C TYR B 39 -24.02 -16.42 -20.51
N TYR B 40 -24.82 -16.47 -21.58
CA TYR B 40 -24.36 -17.10 -22.82
C TYR B 40 -23.11 -16.46 -23.41
N GLU B 41 -22.88 -15.19 -23.10
CA GLU B 41 -21.70 -14.49 -23.63
C GLU B 41 -20.40 -14.82 -22.92
N LEU B 42 -20.48 -15.49 -21.78
CA LEU B 42 -19.29 -15.82 -21.00
C LEU B 42 -18.62 -17.14 -21.34
N SER B 43 -17.37 -17.27 -20.90
CA SER B 43 -16.58 -18.48 -21.10
C SER B 43 -17.12 -19.56 -20.15
N GLU B 44 -16.61 -20.78 -20.32
CA GLU B 44 -17.03 -21.90 -19.49
C GLU B 44 -16.84 -21.61 -18.00
N LYS B 45 -15.66 -21.10 -17.66
CA LYS B 45 -15.34 -20.78 -16.27
C LYS B 45 -16.16 -19.60 -15.76
N ARG B 46 -16.22 -18.53 -16.56
CA ARG B 46 -16.97 -17.35 -16.16
C ARG B 46 -18.46 -17.66 -16.00
N LYS B 47 -18.99 -18.57 -16.82
CA LYS B 47 -20.39 -18.94 -16.71
C LYS B 47 -20.69 -19.47 -15.32
N ASN B 48 -19.82 -20.36 -14.83
CA ASN B 48 -20.01 -20.95 -13.51
C ASN B 48 -19.96 -19.89 -12.42
N GLU B 49 -19.02 -18.95 -12.53
CA GLU B 49 -18.89 -17.89 -11.54
C GLU B 49 -20.12 -17.00 -11.55
N PHE B 50 -20.55 -16.64 -12.75
CA PHE B 50 -21.71 -15.79 -12.93
C PHE B 50 -22.96 -16.46 -12.38
N LEU B 51 -23.18 -17.71 -12.75
CA LEU B 51 -24.34 -18.45 -12.30
C LEU B 51 -24.35 -18.62 -10.79
N ALA B 52 -23.19 -18.95 -10.21
CA ALA B 52 -23.11 -19.14 -8.78
C ALA B 52 -23.47 -17.84 -8.05
N GLY B 53 -22.98 -16.73 -8.57
CA GLY B 53 -23.24 -15.42 -7.96
C GLY B 53 -24.70 -15.03 -8.04
N ARG B 54 -25.30 -15.22 -9.22
CA ARG B 54 -26.72 -14.88 -9.39
C ARG B 54 -27.58 -15.81 -8.53
N PHE B 55 -27.21 -17.09 -8.48
CA PHE B 55 -27.93 -18.06 -7.67
C PHE B 55 -27.87 -17.64 -6.20
N ALA B 56 -26.69 -17.27 -5.73
CA ALA B 56 -26.51 -16.84 -4.33
C ALA B 56 -27.35 -15.61 -4.02
N ALA B 57 -27.35 -14.65 -4.94
CA ALA B 57 -28.13 -13.42 -4.77
C ALA B 57 -29.63 -13.71 -4.70
N LYS B 58 -30.12 -14.59 -5.56
CA LYS B 58 -31.55 -14.89 -5.55
C LYS B 58 -31.91 -15.67 -4.29
N GLU B 59 -31.03 -16.59 -3.87
CA GLU B 59 -31.29 -17.32 -2.64
C GLU B 59 -31.32 -16.33 -1.47
N ALA B 60 -30.32 -15.44 -1.41
CA ALA B 60 -30.28 -14.46 -0.33
C ALA B 60 -31.54 -13.59 -0.34
N PHE B 61 -31.97 -13.17 -1.52
CA PHE B 61 -33.16 -12.35 -1.62
C PHE B 61 -34.38 -13.14 -1.11
N SER B 62 -34.49 -14.40 -1.50
CA SER B 62 -35.61 -15.24 -1.08
C SER B 62 -35.67 -15.38 0.44
N LYS B 63 -34.50 -15.35 1.09
CA LYS B 63 -34.44 -15.46 2.54
C LYS B 63 -34.86 -14.14 3.19
N ALA B 64 -34.52 -13.02 2.57
CA ALA B 64 -34.90 -11.72 3.11
C ALA B 64 -36.41 -11.57 2.92
N PHE B 65 -36.90 -12.07 1.79
CA PHE B 65 -38.33 -12.03 1.46
C PHE B 65 -39.11 -12.84 2.50
N GLY B 66 -38.44 -13.81 3.13
CA GLY B 66 -39.03 -14.61 4.18
C GLY B 66 -39.68 -15.95 3.83
N THR B 67 -39.60 -16.36 2.58
CA THR B 67 -40.25 -17.59 2.16
C THR B 67 -39.32 -18.61 1.54
N GLY B 68 -38.16 -18.14 1.07
CA GLY B 68 -37.25 -19.03 0.39
C GLY B 68 -37.83 -19.19 -1.02
N ILE B 69 -37.16 -19.94 -1.88
CA ILE B 69 -37.65 -20.14 -3.24
C ILE B 69 -38.69 -21.27 -3.19
N GLY B 70 -39.83 -21.05 -3.83
CA GLY B 70 -40.87 -22.06 -3.84
C GLY B 70 -42.14 -21.52 -4.44
N ARG B 71 -43.27 -21.99 -3.93
CA ARG B 71 -44.59 -21.58 -4.42
C ARG B 71 -44.86 -20.09 -4.25
N GLN B 72 -44.24 -19.49 -3.23
CA GLN B 72 -44.44 -18.08 -2.94
C GLN B 72 -43.50 -17.16 -3.72
N LEU B 73 -42.33 -17.67 -4.10
CA LEU B 73 -41.35 -16.87 -4.81
C LEU B 73 -40.48 -17.74 -5.70
N SER B 74 -40.42 -17.38 -6.97
CA SER B 74 -39.65 -18.14 -7.95
C SER B 74 -38.33 -17.45 -8.30
N PHE B 75 -37.36 -18.23 -8.76
CA PHE B 75 -36.08 -17.66 -9.20
C PHE B 75 -36.40 -16.67 -10.31
N GLN B 76 -37.48 -16.96 -11.04
CA GLN B 76 -37.88 -16.11 -12.16
C GLN B 76 -38.56 -14.82 -11.73
N ASP B 77 -38.84 -14.66 -10.44
CA ASP B 77 -39.49 -13.44 -9.96
C ASP B 77 -38.43 -12.43 -9.54
N ILE B 78 -37.17 -12.87 -9.57
CA ILE B 78 -36.05 -12.05 -9.12
C ILE B 78 -35.06 -11.82 -10.25
N GLU B 79 -34.68 -10.57 -10.49
CA GLU B 79 -33.71 -10.30 -11.53
C GLU B 79 -32.53 -9.48 -11.02
N ILE B 80 -31.33 -9.93 -11.36
CA ILE B 80 -30.14 -9.20 -10.98
C ILE B 80 -29.75 -8.43 -12.22
N ARG B 81 -29.73 -7.10 -12.13
CA ARG B 81 -29.35 -6.27 -13.25
C ARG B 81 -28.02 -5.62 -12.91
N LYS B 82 -27.38 -5.02 -13.92
CA LYS B 82 -26.10 -4.36 -13.70
C LYS B 82 -26.26 -2.86 -14.00
N ASP B 83 -25.69 -2.01 -13.15
CA ASP B 83 -25.79 -0.58 -13.37
C ASP B 83 -24.74 -0.11 -14.37
N GLN B 84 -24.59 1.21 -14.51
CA GLN B 84 -23.63 1.78 -15.46
C GLN B 84 -22.19 1.37 -15.21
N ASN B 85 -21.90 0.97 -13.97
CA ASN B 85 -20.56 0.55 -13.61
C ASN B 85 -20.44 -0.96 -13.53
N GLY B 86 -21.47 -1.66 -13.98
CA GLY B 86 -21.47 -3.11 -13.95
C GLY B 86 -21.78 -3.72 -12.58
N LYS B 87 -22.17 -2.88 -11.63
CA LYS B 87 -22.47 -3.36 -10.28
C LYS B 87 -23.90 -3.85 -10.21
N PRO B 88 -24.14 -4.96 -9.48
CA PRO B 88 -25.48 -5.53 -9.36
C PRO B 88 -26.52 -4.82 -8.51
N TYR B 89 -27.76 -4.94 -8.93
CA TYR B 89 -28.88 -4.43 -8.16
C TYR B 89 -30.02 -5.38 -8.46
N ILE B 90 -30.98 -5.47 -7.55
CA ILE B 90 -32.08 -6.39 -7.73
C ILE B 90 -33.42 -5.74 -8.06
N ILE B 91 -34.14 -6.35 -9.01
CA ILE B 91 -35.48 -5.91 -9.38
C ILE B 91 -36.40 -7.12 -9.11
N CYS B 92 -37.42 -6.88 -8.29
CA CYS B 92 -38.41 -7.91 -7.99
C CYS B 92 -39.75 -7.18 -7.93
N THR B 93 -40.46 -7.18 -9.05
CA THR B 93 -41.75 -6.49 -9.12
C THR B 93 -42.78 -7.06 -8.16
N LYS B 94 -42.61 -8.34 -7.81
CA LYS B 94 -43.51 -9.03 -6.91
C LYS B 94 -43.40 -8.41 -5.53
N LEU B 95 -42.39 -7.57 -5.36
CA LEU B 95 -42.17 -6.91 -4.09
C LEU B 95 -42.79 -5.53 -4.11
N SER B 96 -43.56 -5.21 -3.07
CA SER B 96 -44.18 -3.90 -2.95
C SER B 96 -43.06 -2.90 -3.27
N PRO B 97 -43.39 -1.64 -3.59
CA PRO B 97 -42.41 -0.59 -3.92
C PRO B 97 -41.27 -0.35 -2.94
N ALA B 98 -40.79 -1.39 -2.27
CA ALA B 98 -39.72 -1.28 -1.29
C ALA B 98 -38.31 -1.13 -1.87
N ALA B 99 -37.37 -0.72 -1.03
CA ALA B 99 -35.97 -0.55 -1.43
C ALA B 99 -35.26 -1.88 -1.13
N VAL B 100 -34.47 -2.33 -2.09
CA VAL B 100 -33.75 -3.57 -1.98
C VAL B 100 -32.26 -3.31 -2.19
N HIS B 101 -31.43 -3.83 -1.31
CA HIS B 101 -29.98 -3.65 -1.43
C HIS B 101 -29.37 -5.05 -1.53
N VAL B 102 -28.34 -5.21 -2.34
CA VAL B 102 -27.70 -6.51 -2.49
C VAL B 102 -26.20 -6.31 -2.59
N SER B 103 -25.44 -7.31 -2.16
CA SER B 103 -23.99 -7.28 -2.31
C SER B 103 -23.57 -8.70 -2.63
N ILE B 104 -22.70 -8.86 -3.62
CA ILE B 104 -22.24 -10.19 -4.02
C ILE B 104 -20.72 -10.22 -3.90
N THR B 105 -20.18 -11.35 -3.45
CA THR B 105 -18.73 -11.48 -3.32
C THR B 105 -18.32 -12.86 -3.83
N HIS B 106 -17.02 -13.02 -4.11
CA HIS B 106 -16.52 -14.29 -4.64
C HIS B 106 -15.13 -14.65 -4.06
N THR B 107 -14.81 -15.93 -4.06
CA THR B 107 -13.49 -16.42 -3.69
C THR B 107 -13.27 -17.47 -4.78
N LYS B 108 -12.10 -18.11 -4.77
CA LYS B 108 -11.84 -19.12 -5.79
C LYS B 108 -12.91 -20.23 -5.83
N GLU B 109 -13.32 -20.68 -4.66
CA GLU B 109 -14.29 -21.77 -4.55
C GLU B 109 -15.74 -21.44 -4.19
N TYR B 110 -15.99 -20.20 -3.77
CA TYR B 110 -17.34 -19.81 -3.34
C TYR B 110 -17.88 -18.51 -3.91
N ALA B 111 -19.20 -18.40 -3.88
CA ALA B 111 -19.91 -17.18 -4.28
C ALA B 111 -20.80 -16.91 -3.06
N ALA B 112 -20.95 -15.65 -2.69
CA ALA B 112 -21.79 -15.34 -1.54
C ALA B 112 -22.52 -14.04 -1.79
N ALA B 113 -23.68 -13.89 -1.18
CA ALA B 113 -24.45 -12.67 -1.38
C ALA B 113 -25.27 -12.38 -0.16
N GLN B 114 -25.61 -11.10 0.02
CA GLN B 114 -26.48 -10.72 1.11
C GLN B 114 -27.47 -9.72 0.56
N VAL B 115 -28.65 -9.68 1.17
CA VAL B 115 -29.71 -8.78 0.73
C VAL B 115 -30.41 -8.18 1.94
N VAL B 116 -30.85 -6.93 1.81
CA VAL B 116 -31.63 -6.29 2.86
C VAL B 116 -32.83 -5.66 2.15
N ILE B 117 -34.03 -5.98 2.60
CA ILE B 117 -35.23 -5.39 2.01
C ILE B 117 -35.75 -4.42 3.07
N GLU B 118 -36.02 -3.17 2.69
CA GLU B 118 -36.53 -2.18 3.63
C GLU B 118 -38.01 -1.97 3.34
N ARG B 119 -38.83 -1.88 4.38
CA ARG B 119 -40.26 -1.68 4.16
C ARG B 119 -40.58 -0.20 3.99
N GLY C 2 -32.81 5.93 6.36
CA GLY C 2 -32.83 4.49 5.96
C GLY C 2 -31.46 3.98 5.58
N ILE C 3 -31.41 2.84 4.89
CA ILE C 3 -30.14 2.27 4.48
C ILE C 3 -29.66 2.80 3.15
N TYR C 4 -28.42 3.28 3.13
CA TYR C 4 -27.79 3.81 1.93
C TYR C 4 -27.19 2.66 1.10
N GLY C 5 -26.39 1.82 1.77
CA GLY C 5 -25.78 0.71 1.05
C GLY C 5 -25.29 -0.40 1.98
N ILE C 6 -25.04 -1.57 1.41
CA ILE C 6 -24.55 -2.70 2.20
C ILE C 6 -23.39 -3.30 1.40
N GLY C 7 -22.51 -4.02 2.07
CA GLY C 7 -21.39 -4.60 1.37
C GLY C 7 -20.96 -5.87 2.09
N LEU C 8 -20.57 -6.88 1.31
CA LEU C 8 -20.14 -8.16 1.88
C LEU C 8 -18.86 -8.57 1.17
N ASP C 9 -17.93 -9.16 1.92
CA ASP C 9 -16.71 -9.65 1.29
C ASP C 9 -16.17 -10.85 2.02
N ILE C 10 -15.69 -11.82 1.26
CA ILE C 10 -15.06 -12.99 1.87
C ILE C 10 -13.72 -13.04 1.18
N THR C 11 -12.66 -13.22 1.96
CA THR C 11 -11.31 -13.24 1.43
C THR C 11 -10.56 -14.48 1.89
N GLU C 12 -9.93 -15.15 0.93
CA GLU C 12 -9.17 -16.37 1.21
C GLU C 12 -7.81 -15.96 1.78
N LEU C 13 -7.49 -16.41 2.98
CA LEU C 13 -6.22 -16.06 3.61
C LEU C 13 -5.00 -16.38 2.73
N LYS C 14 -5.04 -17.53 2.08
CA LYS C 14 -3.93 -17.94 1.22
C LYS C 14 -3.69 -16.96 0.06
N ARG C 15 -4.75 -16.34 -0.44
CA ARG C 15 -4.62 -15.38 -1.54
C ARG C 15 -3.97 -14.12 -1.00
N ILE C 16 -4.34 -13.73 0.22
CA ILE C 16 -3.74 -12.54 0.84
C ILE C 16 -2.24 -12.80 1.00
N ALA C 17 -1.90 -13.97 1.53
CA ALA C 17 -0.50 -14.32 1.72
C ALA C 17 0.25 -14.34 0.38
N SER C 18 -0.43 -14.79 -0.68
CA SER C 18 0.19 -14.82 -2.01
C SER C 18 0.47 -13.41 -2.53
N MET C 19 -0.51 -12.53 -2.42
CA MET C 19 -0.35 -11.14 -2.87
C MET C 19 0.72 -10.44 -2.06
N ALA C 20 0.73 -10.67 -0.76
CA ALA C 20 1.71 -10.05 0.13
C ALA C 20 3.14 -10.49 -0.23
N GLY C 21 3.27 -11.71 -0.74
CA GLY C 21 4.59 -12.21 -1.10
C GLY C 21 5.02 -11.71 -2.46
N ARG C 22 4.07 -11.66 -3.39
CA ARG C 22 4.32 -11.22 -4.74
C ARG C 22 4.39 -9.71 -4.91
N GLN C 23 3.65 -8.97 -4.09
CA GLN C 23 3.63 -7.52 -4.18
C GLN C 23 4.55 -6.76 -3.25
N LYS C 24 4.96 -5.59 -3.72
CA LYS C 24 5.83 -4.71 -2.96
C LYS C 24 4.95 -3.81 -2.10
N ARG C 25 5.22 -3.80 -0.79
CA ARG C 25 4.49 -2.97 0.17
C ARG C 25 2.98 -3.24 0.25
N PHE C 26 2.58 -4.50 0.11
CA PHE C 26 1.14 -4.80 0.15
C PHE C 26 0.47 -4.34 1.43
N ALA C 27 1.03 -4.69 2.59
CA ALA C 27 0.44 -4.27 3.86
C ALA C 27 0.37 -2.75 3.96
N GLU C 28 1.43 -2.08 3.50
CA GLU C 28 1.48 -0.63 3.54
C GLU C 28 0.41 -0.01 2.64
N ARG C 29 -0.01 -0.74 1.62
CA ARG C 29 -1.01 -0.23 0.72
C ARG C 29 -2.43 -0.38 1.30
N ILE C 30 -2.67 -1.48 1.98
CA ILE C 30 -3.99 -1.76 2.56
C ILE C 30 -4.25 -1.09 3.91
N LEU C 31 -3.21 -1.02 4.74
CA LEU C 31 -3.33 -0.48 6.09
C LEU C 31 -2.95 0.98 6.29
N THR C 32 -3.64 1.65 7.21
CA THR C 32 -3.34 3.04 7.55
C THR C 32 -2.11 2.98 8.46
N ARG C 33 -1.55 4.14 8.79
CA ARG C 33 -0.36 4.16 9.65
C ARG C 33 -0.60 3.47 10.98
N SER C 34 -1.74 3.75 11.60
CA SER C 34 -2.07 3.15 12.90
C SER C 34 -2.25 1.64 12.80
N GLU C 35 -2.85 1.17 11.73
CA GLU C 35 -3.05 -0.27 11.55
C GLU C 35 -1.69 -0.93 11.29
N LEU C 36 -0.82 -0.24 10.56
CA LEU C 36 0.52 -0.75 10.27
C LEU C 36 1.29 -0.92 11.57
N ASP C 37 1.19 0.07 12.46
CA ASP C 37 1.88 -0.03 13.73
C ASP C 37 1.45 -1.30 14.45
N GLN C 38 0.17 -1.63 14.38
CA GLN C 38 -0.35 -2.85 15.03
C GLN C 38 0.14 -4.08 14.29
N TYR C 39 0.04 -4.03 12.96
CA TYR C 39 0.44 -5.13 12.11
C TYR C 39 1.89 -5.56 12.37
N TYR C 40 2.79 -4.59 12.47
CA TYR C 40 4.20 -4.93 12.68
C TYR C 40 4.58 -5.57 14.01
N GLU C 41 3.67 -5.56 14.98
CA GLU C 41 3.95 -6.18 16.28
C GLU C 41 3.44 -7.62 16.34
N LEU C 42 2.79 -8.06 15.27
CA LEU C 42 2.22 -9.41 15.19
C LEU C 42 3.14 -10.47 14.62
N SER C 43 2.88 -11.73 14.99
CA SER C 43 3.65 -12.85 14.48
C SER C 43 3.29 -13.00 13.01
N GLU C 44 4.07 -13.79 12.28
CA GLU C 44 3.80 -14.00 10.86
C GLU C 44 2.37 -14.51 10.61
N LYS C 45 1.92 -15.44 11.45
CA LYS C 45 0.57 -16.01 11.32
C LYS C 45 -0.50 -14.97 11.60
N ARG C 46 -0.34 -14.26 12.72
CA ARG C 46 -1.30 -13.23 13.11
C ARG C 46 -1.38 -12.10 12.10
N LYS C 47 -0.23 -11.74 11.51
CA LYS C 47 -0.17 -10.68 10.51
C LYS C 47 -1.11 -10.98 9.35
N ASN C 48 -1.04 -12.20 8.83
CA ASN C 48 -1.87 -12.61 7.71
C ASN C 48 -3.36 -12.55 8.07
N GLU C 49 -3.71 -12.98 9.29
CA GLU C 49 -5.11 -12.93 9.73
C GLU C 49 -5.59 -11.48 9.87
N PHE C 50 -4.75 -10.65 10.48
CA PHE C 50 -5.07 -9.24 10.70
C PHE C 50 -5.25 -8.55 9.34
N LEU C 51 -4.29 -8.74 8.46
CA LEU C 51 -4.33 -8.14 7.13
C LEU C 51 -5.56 -8.58 6.34
N ALA C 52 -5.84 -9.88 6.34
CA ALA C 52 -7.00 -10.41 5.63
C ALA C 52 -8.30 -9.82 6.18
N GLY C 53 -8.38 -9.65 7.50
CA GLY C 53 -9.57 -9.09 8.11
C GLY C 53 -9.80 -7.63 7.73
N ARG C 54 -8.72 -6.86 7.70
CA ARG C 54 -8.81 -5.45 7.34
C ARG C 54 -9.16 -5.32 5.87
N PHE C 55 -8.55 -6.16 5.05
CA PHE C 55 -8.81 -6.12 3.61
C PHE C 55 -10.30 -6.41 3.36
N ALA C 56 -10.83 -7.43 4.03
CA ALA C 56 -12.24 -7.80 3.86
C ALA C 56 -13.14 -6.66 4.30
N ALA C 57 -12.82 -6.06 5.45
CA ALA C 57 -13.64 -4.98 5.98
C ALA C 57 -13.65 -3.75 5.07
N LYS C 58 -12.49 -3.39 4.53
CA LYS C 58 -12.42 -2.22 3.67
C LYS C 58 -13.08 -2.48 2.33
N GLU C 59 -12.96 -3.72 1.85
CA GLU C 59 -13.61 -4.11 0.61
C GLU C 59 -15.13 -4.00 0.82
N ALA C 60 -15.62 -4.55 1.93
CA ALA C 60 -17.05 -4.50 2.23
C ALA C 60 -17.51 -3.04 2.32
N PHE C 61 -16.72 -2.22 3.01
CA PHE C 61 -17.10 -0.81 3.15
C PHE C 61 -17.19 -0.12 1.79
N SER C 62 -16.19 -0.34 0.94
CA SER C 62 -16.17 0.30 -0.37
C SER C 62 -17.36 -0.12 -1.22
N LYS C 63 -17.87 -1.33 -1.00
CA LYS C 63 -19.03 -1.79 -1.77
C LYS C 63 -20.28 -1.10 -1.25
N ALA C 64 -20.37 -0.93 0.07
CA ALA C 64 -21.52 -0.27 0.67
C ALA C 64 -21.50 1.21 0.25
N PHE C 65 -20.31 1.80 0.24
CA PHE C 65 -20.16 3.21 -0.12
C PHE C 65 -20.57 3.40 -1.59
N GLY C 66 -20.44 2.34 -2.37
CA GLY C 66 -20.85 2.38 -3.76
C GLY C 66 -19.79 2.66 -4.81
N THR C 67 -18.62 3.12 -4.38
CA THR C 67 -17.55 3.42 -5.33
C THR C 67 -16.52 2.31 -5.53
N GLY C 68 -16.40 1.42 -4.54
CA GLY C 68 -15.40 0.38 -4.64
C GLY C 68 -14.06 1.08 -4.36
N ILE C 69 -12.97 0.33 -4.28
CA ILE C 69 -11.67 0.95 -4.01
C ILE C 69 -11.05 1.46 -5.30
N GLY C 70 -10.69 2.74 -5.32
CA GLY C 70 -10.10 3.32 -6.51
C GLY C 70 -9.91 4.82 -6.40
N ARG C 71 -10.19 5.53 -7.49
CA ARG C 71 -10.04 6.97 -7.53
C ARG C 71 -10.88 7.75 -6.50
N GLN C 72 -12.11 7.29 -6.26
CA GLN C 72 -12.98 7.98 -5.31
C GLN C 72 -12.81 7.55 -3.85
N LEU C 73 -12.18 6.41 -3.63
CA LEU C 73 -11.99 5.90 -2.27
C LEU C 73 -10.80 4.97 -2.22
N SER C 74 -9.87 5.29 -1.33
CA SER C 74 -8.65 4.52 -1.14
C SER C 74 -8.72 3.70 0.14
N PHE C 75 -7.90 2.65 0.23
CA PHE C 75 -7.85 1.83 1.45
C PHE C 75 -7.40 2.74 2.59
N GLN C 76 -6.61 3.76 2.25
CA GLN C 76 -6.09 4.68 3.24
C GLN C 76 -7.17 5.60 3.84
N ASP C 77 -8.32 5.69 3.18
CA ASP C 77 -9.40 6.54 3.68
C ASP C 77 -10.26 5.82 4.71
N ILE C 78 -10.00 4.54 4.91
CA ILE C 78 -10.80 3.72 5.82
C ILE C 78 -9.97 3.10 6.93
N GLU C 79 -10.36 3.30 8.18
CA GLU C 79 -9.64 2.72 9.30
C GLU C 79 -10.56 1.94 10.21
N ILE C 80 -10.16 0.73 10.59
CA ILE C 80 -10.97 -0.06 11.50
C ILE C 80 -10.36 0.11 12.90
N ARG C 81 -11.21 0.41 13.88
CA ARG C 81 -10.76 0.54 15.27
C ARG C 81 -11.63 -0.40 16.12
N LYS C 82 -11.24 -0.63 17.36
CA LYS C 82 -12.02 -1.50 18.26
C LYS C 82 -12.41 -0.69 19.47
N ASP C 83 -13.67 -0.81 19.90
CA ASP C 83 -14.09 -0.08 21.07
C ASP C 83 -13.74 -0.85 22.34
N GLN C 84 -14.21 -0.35 23.48
CA GLN C 84 -13.91 -0.96 24.76
C GLN C 84 -14.40 -2.39 24.93
N ASN C 85 -15.39 -2.80 24.13
CA ASN C 85 -15.89 -4.17 24.21
C ASN C 85 -15.20 -5.05 23.18
N GLY C 86 -14.31 -4.45 22.39
CA GLY C 86 -13.61 -5.21 21.37
C GLY C 86 -14.36 -5.22 20.05
N LYS C 87 -15.46 -4.47 19.99
CA LYS C 87 -16.27 -4.40 18.78
C LYS C 87 -15.61 -3.51 17.72
N PRO C 88 -15.45 -4.01 16.49
CA PRO C 88 -14.83 -3.16 15.47
C PRO C 88 -15.78 -2.10 14.95
N TYR C 89 -15.24 -0.93 14.64
CA TYR C 89 -16.05 0.14 14.05
C TYR C 89 -15.15 0.86 13.07
N ILE C 90 -15.78 1.53 12.10
CA ILE C 90 -15.03 2.20 11.06
C ILE C 90 -15.02 3.72 11.16
N ILE C 91 -13.88 4.30 10.85
CA ILE C 91 -13.73 5.74 10.79
C ILE C 91 -13.38 6.01 9.32
N CYS C 92 -14.17 6.87 8.67
CA CYS C 92 -13.92 7.27 7.27
C CYS C 92 -14.49 8.68 7.21
N THR C 93 -13.63 9.68 7.08
CA THR C 93 -14.11 11.06 7.09
C THR C 93 -15.04 11.49 5.98
N LYS C 94 -15.29 10.59 5.02
CA LYS C 94 -16.22 10.90 3.94
C LYS C 94 -17.66 10.87 4.46
N LEU C 95 -17.85 10.29 5.64
CA LEU C 95 -19.18 10.24 6.24
C LEU C 95 -19.09 10.18 7.75
N SER C 96 -20.23 10.29 8.43
CA SER C 96 -20.23 10.23 9.88
C SER C 96 -20.03 8.81 10.38
N PRO C 97 -19.22 8.63 11.42
CA PRO C 97 -18.97 7.30 11.99
C PRO C 97 -20.29 6.68 12.48
N ALA C 98 -21.22 7.53 12.90
CA ALA C 98 -22.50 7.05 13.41
C ALA C 98 -23.37 6.39 12.34
N ALA C 99 -23.04 6.65 11.08
CA ALA C 99 -23.80 6.09 9.99
C ALA C 99 -23.25 4.74 9.51
N VAL C 100 -22.12 4.31 10.08
CA VAL C 100 -21.50 3.08 9.63
C VAL C 100 -21.51 1.95 10.66
N HIS C 101 -21.74 0.73 10.19
CA HIS C 101 -21.75 -0.46 11.04
C HIS C 101 -20.97 -1.54 10.31
N VAL C 102 -20.09 -2.25 11.02
CA VAL C 102 -19.29 -3.32 10.42
C VAL C 102 -19.24 -4.54 11.33
N SER C 103 -18.96 -5.70 10.75
CA SER C 103 -18.77 -6.93 11.54
C SER C 103 -17.73 -7.72 10.78
N ILE C 104 -16.82 -8.35 11.53
CA ILE C 104 -15.74 -9.11 10.92
C ILE C 104 -15.72 -10.50 11.54
N THR C 105 -15.46 -11.52 10.72
CA THR C 105 -15.40 -12.90 11.20
C THR C 105 -14.24 -13.65 10.53
N HIS C 106 -13.86 -14.79 11.11
CA HIS C 106 -12.76 -15.59 10.58
C HIS C 106 -13.01 -17.08 10.74
N THR C 107 -12.32 -17.86 9.91
CA THR C 107 -12.33 -19.32 10.01
C THR C 107 -10.83 -19.60 9.79
N LYS C 108 -10.44 -20.85 9.79
CA LYS C 108 -9.04 -21.18 9.59
C LYS C 108 -8.49 -20.64 8.27
N GLU C 109 -9.28 -20.76 7.21
CA GLU C 109 -8.84 -20.35 5.88
C GLU C 109 -9.45 -19.06 5.31
N TYR C 110 -10.43 -18.48 5.99
CA TYR C 110 -11.07 -17.28 5.46
C TYR C 110 -11.28 -16.15 6.44
N ALA C 111 -11.39 -14.94 5.90
CA ALA C 111 -11.71 -13.75 6.68
C ALA C 111 -12.93 -13.19 5.93
N ALA C 112 -13.91 -12.64 6.64
CA ALA C 112 -15.08 -12.10 5.95
C ALA C 112 -15.59 -10.90 6.73
N ALA C 113 -16.27 -10.00 6.03
CA ALA C 113 -16.79 -8.81 6.69
C ALA C 113 -18.01 -8.27 5.96
N GLN C 114 -18.83 -7.51 6.68
CA GLN C 114 -20.00 -6.91 6.05
C GLN C 114 -20.11 -5.51 6.63
N VAL C 115 -20.72 -4.61 5.86
CA VAL C 115 -20.87 -3.22 6.29
C VAL C 115 -22.25 -2.76 5.90
N VAL C 116 -22.84 -1.91 6.73
CA VAL C 116 -24.12 -1.31 6.40
C VAL C 116 -23.91 0.18 6.66
N ILE C 117 -24.24 1.01 5.69
CA ILE C 117 -24.12 2.46 5.83
C ILE C 117 -25.53 3.01 5.81
N GLU C 118 -25.87 3.82 6.80
CA GLU C 118 -27.21 4.41 6.85
C GLU C 118 -27.19 5.85 6.41
N ARG C 119 -28.35 6.34 5.98
CA ARG C 119 -28.51 7.73 5.61
C ARG C 119 -28.88 8.41 6.91
N LEU C 120 -28.17 9.45 7.28
CA LEU C 120 -28.46 10.16 8.52
C LEU C 120 -29.23 11.43 8.23
N GLY D 1 6.00 -1.82 -11.03
CA GLY D 1 7.33 -1.65 -10.37
C GLY D 1 8.51 -1.99 -11.28
N GLY D 2 9.12 -0.96 -11.86
CA GLY D 2 10.26 -1.19 -12.74
C GLY D 2 11.58 -0.91 -12.05
N ILE D 3 11.51 -0.40 -10.81
CA ILE D 3 12.73 -0.10 -10.06
C ILE D 3 12.77 -0.95 -8.80
N TYR D 4 13.89 -1.64 -8.60
CA TYR D 4 14.10 -2.49 -7.43
C TYR D 4 14.50 -1.66 -6.22
N GLY D 5 15.39 -0.70 -6.44
CA GLY D 5 15.81 0.13 -5.34
C GLY D 5 16.81 1.18 -5.80
N ILE D 6 17.02 2.20 -4.96
CA ILE D 6 17.96 3.26 -5.29
C ILE D 6 18.87 3.50 -4.09
N GLY D 7 20.04 4.06 -4.35
CA GLY D 7 20.97 4.30 -3.28
C GLY D 7 21.79 5.55 -3.53
N LEU D 8 22.08 6.27 -2.45
CA LEU D 8 22.86 7.50 -2.53
C LEU D 8 23.87 7.50 -1.38
N ASP D 9 25.08 7.95 -1.66
CA ASP D 9 26.10 8.04 -0.61
C ASP D 9 26.99 9.25 -0.82
N ILE D 10 27.29 9.97 0.27
CA ILE D 10 28.22 11.08 0.17
C ILE D 10 29.31 10.69 1.18
N THR D 11 30.56 10.76 0.77
CA THR D 11 31.67 10.42 1.64
C THR D 11 32.68 11.57 1.76
N GLU D 12 33.12 11.83 2.98
CA GLU D 12 34.10 12.90 3.21
C GLU D 12 35.49 12.37 2.86
N LEU D 13 36.17 13.01 1.92
CA LEU D 13 37.51 12.57 1.51
C LEU D 13 38.48 12.44 2.69
N LYS D 14 38.45 13.41 3.60
CA LYS D 14 39.33 13.39 4.77
C LYS D 14 39.13 12.15 5.63
N ARG D 15 37.89 11.68 5.71
CA ARG D 15 37.60 10.50 6.52
C ARG D 15 38.25 9.27 5.89
N ILE D 16 38.14 9.16 4.58
CA ILE D 16 38.72 8.03 3.84
C ILE D 16 40.24 8.07 3.94
N ALA D 17 40.81 9.27 3.84
CA ALA D 17 42.25 9.40 3.91
C ALA D 17 42.74 8.98 5.29
N SER D 18 41.97 9.34 6.31
CA SER D 18 42.33 9.00 7.68
C SER D 18 42.31 7.48 7.90
N MET D 19 41.26 6.82 7.44
CA MET D 19 41.16 5.38 7.61
C MET D 19 42.25 4.64 6.82
N ALA D 20 42.46 5.05 5.59
CA ALA D 20 43.44 4.42 4.72
C ALA D 20 44.86 4.56 5.25
N GLY D 21 45.09 5.62 6.03
CA GLY D 21 46.42 5.83 6.59
C GLY D 21 46.65 5.10 7.90
N ARG D 22 45.58 4.93 8.67
CA ARG D 22 45.68 4.28 9.96
C ARG D 22 45.45 2.76 9.95
N GLN D 23 44.90 2.25 8.85
CA GLN D 23 44.58 0.82 8.74
C GLN D 23 45.33 0.14 7.61
N LYS D 24 46.21 -0.81 7.94
CA LYS D 24 46.99 -1.51 6.93
C LYS D 24 46.21 -2.12 5.78
N ARG D 25 45.03 -2.67 6.05
CA ARG D 25 44.25 -3.31 4.98
C ARG D 25 42.95 -2.63 4.56
N PHE D 26 42.83 -1.33 4.82
CA PHE D 26 41.59 -0.65 4.45
C PHE D 26 41.28 -0.74 2.94
N ALA D 27 42.21 -0.27 2.11
CA ALA D 27 42.01 -0.32 0.67
C ALA D 27 41.78 -1.73 0.17
N GLU D 28 42.56 -2.67 0.70
CA GLU D 28 42.45 -4.08 0.31
C GLU D 28 41.10 -4.70 0.66
N ARG D 29 40.44 -4.18 1.69
CA ARG D 29 39.15 -4.70 2.10
C ARG D 29 38.06 -4.18 1.17
N ILE D 30 38.22 -2.92 0.74
CA ILE D 30 37.24 -2.25 -0.10
C ILE D 30 37.31 -2.56 -1.58
N LEU D 31 38.54 -2.68 -2.10
CA LEU D 31 38.77 -2.88 -3.52
C LEU D 31 39.07 -4.29 -3.97
N THR D 32 38.55 -4.66 -5.14
CA THR D 32 38.81 -5.97 -5.69
C THR D 32 40.22 -5.95 -6.23
N ARG D 33 40.72 -7.11 -6.65
CA ARG D 33 42.07 -7.20 -7.16
C ARG D 33 42.32 -6.27 -8.34
N SER D 34 41.37 -6.22 -9.27
CA SER D 34 41.51 -5.34 -10.44
C SER D 34 41.50 -3.86 -10.05
N GLU D 35 40.60 -3.50 -9.15
CA GLU D 35 40.51 -2.11 -8.70
C GLU D 35 41.82 -1.72 -8.02
N LEU D 36 42.38 -2.64 -7.24
CA LEU D 36 43.64 -2.37 -6.55
C LEU D 36 44.77 -2.15 -7.55
N ASP D 37 44.75 -2.89 -8.65
CA ASP D 37 45.78 -2.73 -9.66
C ASP D 37 45.77 -1.28 -10.14
N GLN D 38 44.57 -0.72 -10.37
CA GLN D 38 44.45 0.67 -10.80
C GLN D 38 44.91 1.59 -9.68
N TYR D 39 44.40 1.35 -8.49
CA TYR D 39 44.71 2.12 -7.29
C TYR D 39 46.22 2.22 -7.00
N TYR D 40 46.92 1.09 -7.01
CA TYR D 40 48.35 1.11 -6.71
C TYR D 40 49.14 1.98 -7.69
N GLU D 41 48.61 2.18 -8.88
CA GLU D 41 49.30 2.98 -9.89
C GLU D 41 49.10 4.48 -9.77
N LEU D 42 48.18 4.90 -8.90
CA LEU D 42 47.88 6.30 -8.73
C LEU D 42 48.76 7.05 -7.73
N SER D 43 48.77 8.37 -7.86
CA SER D 43 49.52 9.21 -6.95
C SER D 43 48.84 9.14 -5.60
N GLU D 44 49.52 9.65 -4.56
CA GLU D 44 48.97 9.64 -3.22
C GLU D 44 47.61 10.35 -3.17
N LYS D 45 47.53 11.51 -3.81
CA LYS D 45 46.30 12.30 -3.84
C LYS D 45 45.21 11.62 -4.66
N ARG D 46 45.57 11.11 -5.83
CA ARG D 46 44.62 10.42 -6.70
C ARG D 46 44.15 9.10 -6.07
N LYS D 47 45.01 8.48 -5.27
CA LYS D 47 44.67 7.23 -4.59
C LYS D 47 43.43 7.46 -3.71
N ASN D 48 43.50 8.49 -2.88
CA ASN D 48 42.38 8.76 -1.99
C ASN D 48 41.12 9.20 -2.72
N GLU D 49 41.27 9.90 -3.84
CA GLU D 49 40.08 10.32 -4.60
C GLU D 49 39.43 9.06 -5.18
N PHE D 50 40.27 8.19 -5.74
CA PHE D 50 39.82 6.93 -6.32
C PHE D 50 39.13 6.04 -5.28
N LEU D 51 39.78 5.87 -4.14
CA LEU D 51 39.25 5.03 -3.07
C LEU D 51 37.92 5.58 -2.55
N ALA D 52 37.86 6.89 -2.31
CA ALA D 52 36.63 7.50 -1.81
C ALA D 52 35.47 7.30 -2.80
N GLY D 53 35.78 7.47 -4.08
CA GLY D 53 34.77 7.29 -5.11
C GLY D 53 34.26 5.86 -5.20
N ARG D 54 35.17 4.88 -5.16
CA ARG D 54 34.75 3.48 -5.20
C ARG D 54 34.00 3.12 -3.93
N PHE D 55 34.43 3.67 -2.80
CA PHE D 55 33.75 3.41 -1.52
C PHE D 55 32.31 3.94 -1.60
N ALA D 56 32.15 5.16 -2.10
CA ALA D 56 30.81 5.76 -2.22
C ALA D 56 29.93 4.96 -3.16
N ALA D 57 30.49 4.52 -4.28
CA ALA D 57 29.72 3.73 -5.25
C ALA D 57 29.25 2.41 -4.66
N LYS D 58 30.12 1.75 -3.89
CA LYS D 58 29.74 0.47 -3.31
C LYS D 58 28.72 0.66 -2.19
N GLU D 59 28.88 1.72 -1.40
CA GLU D 59 27.92 1.98 -0.34
C GLU D 59 26.59 2.30 -0.99
N ALA D 60 26.59 3.12 -2.04
CA ALA D 60 25.33 3.44 -2.72
C ALA D 60 24.70 2.18 -3.28
N PHE D 61 25.50 1.32 -3.89
CA PHE D 61 24.96 0.07 -4.43
C PHE D 61 24.34 -0.77 -3.31
N SER D 62 25.01 -0.84 -2.16
CA SER D 62 24.49 -1.64 -1.05
C SER D 62 23.14 -1.11 -0.55
N LYS D 63 22.94 0.20 -0.66
CA LYS D 63 21.69 0.82 -0.24
C LYS D 63 20.58 0.52 -1.24
N ALA D 64 20.93 0.53 -2.52
CA ALA D 64 19.96 0.23 -3.57
C ALA D 64 19.57 -1.23 -3.44
N PHE D 65 20.56 -2.09 -3.14
CA PHE D 65 20.34 -3.53 -2.97
C PHE D 65 19.46 -3.80 -1.75
N GLY D 66 19.47 -2.86 -0.81
CA GLY D 66 18.63 -2.95 0.38
C GLY D 66 19.20 -3.60 1.62
N THR D 67 20.46 -3.99 1.59
CA THR D 67 21.07 -4.69 2.72
C THR D 67 22.20 -3.95 3.42
N GLY D 68 22.86 -3.04 2.69
CA GLY D 68 24.01 -2.37 3.24
C GLY D 68 25.16 -3.37 3.13
N ILE D 69 26.37 -2.95 3.47
CA ILE D 69 27.54 -3.84 3.42
C ILE D 69 27.55 -4.69 4.69
N GLY D 70 27.71 -6.01 4.52
CA GLY D 70 27.72 -6.87 5.67
C GLY D 70 27.60 -8.34 5.34
N ARG D 71 26.89 -9.08 6.17
CA ARG D 71 26.73 -10.51 5.97
C ARG D 71 26.13 -10.88 4.62
N GLN D 72 25.24 -10.04 4.11
CA GLN D 72 24.58 -10.33 2.84
C GLN D 72 25.26 -9.78 1.60
N LEU D 73 26.14 -8.81 1.77
CA LEU D 73 26.82 -8.21 0.64
C LEU D 73 28.15 -7.63 1.08
N SER D 74 29.20 -8.04 0.39
CA SER D 74 30.56 -7.59 0.68
C SER D 74 31.04 -6.56 -0.35
N PHE D 75 32.03 -5.76 0.04
CA PHE D 75 32.63 -4.81 -0.90
C PHE D 75 33.23 -5.63 -2.03
N GLN D 76 33.63 -6.85 -1.71
CA GLN D 76 34.25 -7.72 -2.72
C GLN D 76 33.26 -8.32 -3.73
N ASP D 77 31.97 -8.14 -3.45
CA ASP D 77 30.90 -8.64 -4.34
C ASP D 77 30.57 -7.60 -5.41
N ILE D 78 31.23 -6.45 -5.33
CA ILE D 78 30.98 -5.35 -6.25
C ILE D 78 32.24 -4.83 -6.90
N GLU D 79 32.17 -4.56 -8.20
CA GLU D 79 33.35 -4.03 -8.87
C GLU D 79 32.94 -2.93 -9.82
N ILE D 80 33.67 -1.81 -9.78
CA ILE D 80 33.39 -0.70 -10.68
C ILE D 80 34.36 -0.78 -11.85
N ARG D 81 33.81 -0.70 -13.05
CA ARG D 81 34.62 -0.72 -14.27
C ARG D 81 34.24 0.53 -15.06
N LYS D 82 35.01 0.83 -16.11
CA LYS D 82 34.71 2.01 -16.93
C LYS D 82 34.62 1.62 -18.39
N ASP D 83 33.65 2.18 -19.10
CA ASP D 83 33.53 1.85 -20.51
C ASP D 83 34.49 2.72 -21.32
N GLN D 84 34.43 2.58 -22.64
CA GLN D 84 35.30 3.33 -23.54
C GLN D 84 35.19 4.84 -23.39
N ASN D 85 34.03 5.33 -22.97
CA ASN D 85 33.83 6.76 -22.77
C ASN D 85 34.28 7.21 -21.39
N GLY D 86 34.66 6.28 -20.53
CA GLY D 86 35.08 6.64 -19.20
C GLY D 86 33.94 6.62 -18.19
N LYS D 87 32.77 6.16 -18.63
CA LYS D 87 31.61 6.08 -17.76
C LYS D 87 31.69 4.84 -16.85
N PRO D 88 31.59 5.04 -15.53
CA PRO D 88 31.67 3.84 -14.67
C PRO D 88 30.41 3.01 -14.76
N TYR D 89 30.56 1.72 -14.50
CA TYR D 89 29.43 0.81 -14.48
C TYR D 89 29.76 -0.27 -13.48
N ILE D 90 28.73 -0.88 -12.92
CA ILE D 90 28.93 -1.91 -11.91
C ILE D 90 28.68 -3.33 -12.37
N ILE D 91 29.52 -4.25 -11.88
CA ILE D 91 29.30 -5.66 -12.13
C ILE D 91 29.30 -6.21 -10.70
N CYS D 92 28.43 -7.16 -10.41
CA CYS D 92 28.40 -7.71 -9.06
C CYS D 92 28.03 -9.18 -9.08
N THR D 93 28.12 -9.82 -7.93
CA THR D 93 27.82 -11.25 -7.86
C THR D 93 26.34 -11.53 -7.64
N LYS D 94 25.54 -10.49 -7.49
CA LYS D 94 24.11 -10.61 -7.19
C LYS D 94 23.11 -10.47 -8.31
N LEU D 95 23.42 -9.64 -9.31
CA LEU D 95 22.48 -9.43 -10.38
C LEU D 95 23.18 -8.97 -11.64
N SER D 96 22.43 -8.93 -12.74
CA SER D 96 22.98 -8.56 -14.04
C SER D 96 23.45 -7.11 -14.19
N PRO D 97 24.57 -6.91 -14.90
CA PRO D 97 25.10 -5.56 -15.11
C PRO D 97 24.04 -4.68 -15.79
N ALA D 98 23.25 -5.30 -16.66
CA ALA D 98 22.20 -4.59 -17.40
C ALA D 98 21.15 -3.97 -16.48
N ALA D 99 21.01 -4.50 -15.27
CA ALA D 99 20.01 -3.98 -14.35
C ALA D 99 20.52 -2.88 -13.41
N VAL D 100 21.80 -2.54 -13.51
CA VAL D 100 22.36 -1.54 -12.61
C VAL D 100 22.90 -0.33 -13.32
N HIS D 101 22.75 0.81 -12.67
CA HIS D 101 23.23 2.08 -13.19
C HIS D 101 23.90 2.81 -12.04
N VAL D 102 24.97 3.53 -12.33
CA VAL D 102 25.69 4.26 -11.30
C VAL D 102 26.26 5.56 -11.83
N SER D 103 26.49 6.51 -10.93
CA SER D 103 27.11 7.76 -11.30
C SER D 103 27.95 8.16 -10.09
N ILE D 104 29.15 8.68 -10.35
CA ILE D 104 30.05 9.10 -9.28
C ILE D 104 30.46 10.54 -9.57
N THR D 105 30.55 11.34 -8.50
CA THR D 105 30.94 12.74 -8.63
C THR D 105 31.91 13.11 -7.51
N HIS D 106 32.61 14.23 -7.67
CA HIS D 106 33.59 14.67 -6.68
C HIS D 106 33.59 16.19 -6.54
N THR D 107 34.03 16.66 -5.37
CA THR D 107 34.24 18.09 -5.11
C THR D 107 35.59 18.01 -4.42
N LYS D 108 36.12 19.15 -4.01
CA LYS D 108 37.42 19.17 -3.35
C LYS D 108 37.45 18.33 -2.07
N GLU D 109 36.35 18.34 -1.32
CA GLU D 109 36.27 17.63 -0.04
C GLU D 109 35.41 16.38 0.02
N TYR D 110 34.62 16.14 -1.02
CA TYR D 110 33.71 14.99 -1.01
C TYR D 110 33.72 14.13 -2.25
N ALA D 111 33.22 12.91 -2.08
CA ALA D 111 33.01 11.97 -3.19
C ALA D 111 31.57 11.57 -2.96
N ALA D 112 30.81 11.35 -4.03
CA ALA D 112 29.42 10.95 -3.89
C ALA D 112 29.05 10.04 -5.04
N ALA D 113 28.03 9.22 -4.83
CA ALA D 113 27.60 8.30 -5.86
C ALA D 113 26.15 7.92 -5.66
N GLN D 114 25.52 7.49 -6.73
CA GLN D 114 24.14 7.05 -6.63
C GLN D 114 24.01 5.83 -7.51
N VAL D 115 23.09 4.96 -7.15
CA VAL D 115 22.86 3.73 -7.91
C VAL D 115 21.37 3.52 -8.04
N VAL D 116 20.98 2.97 -9.18
CA VAL D 116 19.61 2.59 -9.39
C VAL D 116 19.64 1.15 -9.89
N ILE D 117 18.86 0.28 -9.26
CA ILE D 117 18.77 -1.11 -9.68
C ILE D 117 17.36 -1.29 -10.21
N GLU D 118 17.25 -1.76 -11.44
CA GLU D 118 15.94 -1.95 -12.05
C GLU D 118 15.41 -3.33 -11.73
N ARG D 119 14.13 -3.55 -11.98
CA ARG D 119 13.57 -4.86 -11.74
C ARG D 119 13.79 -5.63 -13.04
N GLY E 2 13.14 1.03 -20.29
CA GLY E 2 14.02 0.96 -19.09
C GLY E 2 14.87 2.21 -18.92
N ILE E 3 15.84 2.16 -18.01
CA ILE E 3 16.70 3.30 -17.77
C ILE E 3 17.91 3.27 -18.69
N TYR E 4 18.18 4.40 -19.33
CA TYR E 4 19.32 4.53 -20.22
C TYR E 4 20.57 4.88 -19.43
N GLY E 5 20.43 5.84 -18.51
CA GLY E 5 21.57 6.22 -17.69
C GLY E 5 21.20 7.18 -16.60
N ILE E 6 22.06 7.30 -15.59
CA ILE E 6 21.80 8.23 -14.49
C ILE E 6 23.05 9.05 -14.24
N GLY E 7 22.85 10.22 -13.63
CA GLY E 7 23.98 11.10 -13.37
C GLY E 7 23.76 11.92 -12.12
N LEU E 8 24.86 12.13 -11.41
CA LEU E 8 24.87 12.89 -10.18
C LEU E 8 26.04 13.87 -10.22
N ASP E 9 25.80 15.09 -9.74
CA ASP E 9 26.87 16.06 -9.68
C ASP E 9 26.71 16.99 -8.49
N ILE E 10 27.82 17.28 -7.82
CA ILE E 10 27.80 18.24 -6.73
C ILE E 10 28.87 19.22 -7.13
N THR E 11 28.55 20.50 -7.07
CA THR E 11 29.52 21.53 -7.44
C THR E 11 29.68 22.55 -6.32
N GLU E 12 30.93 22.87 -6.03
CA GLU E 12 31.24 23.85 -4.99
C GLU E 12 31.03 25.27 -5.56
N LEU E 13 30.14 26.03 -4.93
CA LEU E 13 29.83 27.39 -5.36
C LEU E 13 31.07 28.27 -5.52
N LYS E 14 32.01 28.13 -4.59
CA LYS E 14 33.24 28.91 -4.59
C LYS E 14 34.07 28.64 -5.84
N ARG E 15 34.05 27.39 -6.30
CA ARG E 15 34.81 27.01 -7.48
C ARG E 15 34.21 27.66 -8.73
N ILE E 16 32.88 27.72 -8.78
CA ILE E 16 32.18 28.34 -9.91
C ILE E 16 32.51 29.83 -9.90
N ALA E 17 32.47 30.44 -8.72
CA ALA E 17 32.78 31.88 -8.59
C ALA E 17 34.21 32.14 -9.04
N SER E 18 35.15 31.27 -8.68
CA SER E 18 36.53 31.46 -9.11
C SER E 18 36.67 31.40 -10.63
N MET E 19 36.11 30.35 -11.23
CA MET E 19 36.18 30.22 -12.68
C MET E 19 35.52 31.40 -13.38
N ALA E 20 34.39 31.85 -12.86
CA ALA E 20 33.69 32.98 -13.46
C ALA E 20 34.56 34.23 -13.37
N GLY E 21 35.40 34.28 -12.34
CA GLY E 21 36.27 35.44 -12.15
C GLY E 21 37.54 35.44 -12.99
N ARG E 22 38.04 34.28 -13.36
CA ARG E 22 39.26 34.21 -14.15
C ARG E 22 39.00 34.10 -15.65
N GLN E 23 37.84 33.58 -16.02
CA GLN E 23 37.51 33.41 -17.44
C GLN E 23 36.50 34.48 -17.88
N LYS E 24 36.85 35.20 -18.94
CA LYS E 24 36.01 36.29 -19.46
C LYS E 24 34.50 36.06 -19.60
N ARG E 25 34.11 35.13 -20.47
CA ARG E 25 32.69 34.88 -20.68
C ARG E 25 32.32 33.47 -20.23
N PHE E 26 32.64 33.18 -18.97
CA PHE E 26 32.34 31.86 -18.43
C PHE E 26 30.86 31.53 -18.44
N ALA E 27 30.04 32.45 -17.96
CA ALA E 27 28.61 32.19 -17.91
C ALA E 27 28.07 31.92 -19.30
N GLU E 28 28.51 32.72 -20.27
CA GLU E 28 28.08 32.55 -21.66
C GLU E 28 28.47 31.18 -22.22
N ARG E 29 29.57 30.61 -21.72
CA ARG E 29 30.02 29.30 -22.19
C ARG E 29 29.09 28.20 -21.67
N ILE E 30 28.64 28.35 -20.43
CA ILE E 30 27.79 27.35 -19.80
C ILE E 30 26.29 27.43 -20.11
N LEU E 31 25.79 28.65 -20.25
CA LEU E 31 24.36 28.89 -20.44
C LEU E 31 23.88 29.21 -21.84
N THR E 32 22.66 28.77 -22.15
CA THR E 32 22.04 29.02 -23.46
C THR E 32 21.44 30.44 -23.44
N ARG E 33 20.93 30.90 -24.57
CA ARG E 33 20.34 32.23 -24.62
C ARG E 33 19.24 32.46 -23.60
N SER E 34 18.28 31.54 -23.49
CA SER E 34 17.20 31.72 -22.53
C SER E 34 17.71 31.71 -21.09
N GLU E 35 18.69 30.86 -20.81
CA GLU E 35 19.27 30.78 -19.46
C GLU E 35 20.01 32.07 -19.13
N LEU E 36 20.71 32.63 -20.11
CA LEU E 36 21.43 33.88 -19.90
C LEU E 36 20.42 35.00 -19.63
N ASP E 37 19.28 34.98 -20.31
CA ASP E 37 18.26 36.02 -20.07
C ASP E 37 17.86 36.03 -18.60
N GLN E 38 17.67 34.84 -18.05
CA GLN E 38 17.29 34.69 -16.66
C GLN E 38 18.43 35.12 -15.74
N TYR E 39 19.64 34.67 -16.07
CA TYR E 39 20.84 34.95 -15.31
C TYR E 39 21.15 36.44 -15.12
N TYR E 40 21.04 37.23 -16.18
CA TYR E 40 21.36 38.64 -16.05
C TYR E 40 20.35 39.53 -15.33
N GLU E 41 19.25 38.94 -14.89
CA GLU E 41 18.24 39.69 -14.15
C GLU E 41 18.41 39.46 -12.64
N LEU E 42 19.34 38.59 -12.29
CA LEU E 42 19.58 38.25 -10.89
C LEU E 42 20.68 39.08 -10.22
N SER E 43 20.68 39.09 -8.89
CA SER E 43 21.69 39.80 -8.11
C SER E 43 22.99 39.02 -8.25
N GLU E 44 24.09 39.63 -7.82
CA GLU E 44 25.38 38.95 -7.92
C GLU E 44 25.40 37.62 -7.18
N LYS E 45 24.80 37.57 -6.00
CA LYS E 45 24.76 36.34 -5.21
C LYS E 45 23.85 35.31 -5.88
N ARG E 46 22.70 35.76 -6.35
CA ARG E 46 21.74 34.89 -7.01
C ARG E 46 22.33 34.33 -8.31
N LYS E 47 23.14 35.14 -8.98
CA LYS E 47 23.78 34.70 -10.22
C LYS E 47 24.67 33.49 -9.99
N ASN E 48 25.48 33.53 -8.93
CA ASN E 48 26.37 32.43 -8.63
C ASN E 48 25.57 31.16 -8.36
N GLU E 49 24.50 31.29 -7.57
CA GLU E 49 23.65 30.15 -7.25
C GLU E 49 23.01 29.58 -8.51
N PHE E 50 22.45 30.46 -9.33
CA PHE E 50 21.81 30.04 -10.56
C PHE E 50 22.81 29.32 -11.48
N LEU E 51 23.96 29.94 -11.71
CA LEU E 51 24.98 29.35 -12.57
C LEU E 51 25.47 28.01 -12.05
N ALA E 52 25.76 27.92 -10.75
CA ALA E 52 26.23 26.65 -10.20
C ALA E 52 25.17 25.56 -10.36
N GLY E 53 23.90 25.91 -10.17
CA GLY E 53 22.83 24.93 -10.31
C GLY E 53 22.67 24.43 -11.74
N ARG E 54 22.77 25.34 -12.71
CA ARG E 54 22.65 24.95 -14.12
C ARG E 54 23.87 24.14 -14.52
N PHE E 55 25.03 24.55 -14.01
CA PHE E 55 26.28 23.85 -14.27
C PHE E 55 26.15 22.41 -13.76
N ALA E 56 25.69 22.28 -12.52
CA ALA E 56 25.53 20.97 -11.89
C ALA E 56 24.53 20.11 -12.65
N ALA E 57 23.43 20.71 -13.08
CA ALA E 57 22.44 19.96 -13.82
C ALA E 57 22.94 19.46 -15.17
N LYS E 58 23.75 20.29 -15.85
CA LYS E 58 24.27 19.88 -17.15
C LYS E 58 25.36 18.83 -16.97
N GLU E 59 26.14 18.95 -15.91
CA GLU E 59 27.16 17.94 -15.65
C GLU E 59 26.47 16.61 -15.37
N ALA E 60 25.42 16.64 -14.53
CA ALA E 60 24.69 15.43 -14.19
C ALA E 60 24.06 14.83 -15.45
N PHE E 61 23.51 15.67 -16.31
CA PHE E 61 22.93 15.16 -17.53
C PHE E 61 24.00 14.50 -18.40
N SER E 62 25.17 15.12 -18.48
CA SER E 62 26.24 14.59 -19.31
C SER E 62 26.73 13.23 -18.81
N LYS E 63 26.57 12.99 -17.51
CA LYS E 63 26.97 11.71 -16.92
C LYS E 63 25.91 10.64 -17.24
N ALA E 64 24.64 11.05 -17.24
CA ALA E 64 23.55 10.14 -17.57
C ALA E 64 23.64 9.81 -19.04
N PHE E 65 24.06 10.79 -19.84
CA PHE E 65 24.20 10.65 -21.29
C PHE E 65 25.32 9.64 -21.56
N GLY E 66 26.25 9.52 -20.62
CA GLY E 66 27.33 8.56 -20.72
C GLY E 66 28.64 9.05 -21.32
N THR E 67 28.73 10.33 -21.64
CA THR E 67 29.94 10.86 -22.26
C THR E 67 30.61 11.96 -21.48
N GLY E 68 29.84 12.65 -20.64
CA GLY E 68 30.40 13.77 -19.92
C GLY E 68 30.43 14.92 -20.93
N ILE E 69 30.87 16.10 -20.51
CA ILE E 69 30.95 17.25 -21.40
C ILE E 69 32.23 17.15 -22.21
N GLY E 70 32.11 17.25 -23.53
CA GLY E 70 33.27 17.16 -24.40
C GLY E 70 32.85 17.30 -25.84
N ARG E 71 33.59 16.64 -26.74
CA ARG E 71 33.25 16.75 -28.15
C ARG E 71 31.97 16.05 -28.54
N GLN E 72 31.50 15.13 -27.71
CA GLN E 72 30.27 14.43 -28.02
C GLN E 72 29.08 15.19 -27.46
N LEU E 73 29.32 16.01 -26.44
CA LEU E 73 28.24 16.77 -25.81
C LEU E 73 28.77 18.06 -25.18
N SER E 74 28.09 19.17 -25.50
CA SER E 74 28.48 20.48 -25.00
C SER E 74 27.46 21.04 -24.01
N PHE E 75 27.89 21.99 -23.19
CA PHE E 75 26.96 22.63 -22.25
C PHE E 75 25.84 23.26 -23.06
N GLN E 76 26.19 23.77 -24.24
CA GLN E 76 25.22 24.43 -25.10
C GLN E 76 24.18 23.51 -25.74
N ASP E 77 24.43 22.20 -25.66
CA ASP E 77 23.47 21.23 -26.22
C ASP E 77 22.39 20.91 -25.19
N ILE E 78 22.57 21.41 -23.98
CA ILE E 78 21.63 21.12 -22.90
C ILE E 78 20.94 22.36 -22.35
N GLU E 79 19.61 22.33 -22.33
CA GLU E 79 18.91 23.48 -21.80
C GLU E 79 17.94 23.15 -20.69
N ILE E 80 18.04 23.91 -19.61
CA ILE E 80 17.14 23.72 -18.49
C ILE E 80 16.06 24.77 -18.59
N ARG E 81 14.83 24.32 -18.70
CA ARG E 81 13.71 25.24 -18.79
C ARG E 81 12.79 25.03 -17.61
N LYS E 82 11.66 25.72 -17.67
CA LYS E 82 10.65 25.60 -16.65
C LYS E 82 9.33 25.51 -17.40
N ASP E 83 8.54 24.49 -17.08
CA ASP E 83 7.26 24.31 -17.73
C ASP E 83 6.31 25.44 -17.32
N GLN E 84 5.02 25.27 -17.62
CA GLN E 84 4.03 26.28 -17.26
C GLN E 84 3.80 26.34 -15.76
N ASN E 85 4.38 25.38 -15.04
CA ASN E 85 4.25 25.33 -13.59
C ASN E 85 5.52 25.84 -12.92
N GLY E 86 6.55 26.11 -13.73
CA GLY E 86 7.80 26.61 -13.20
C GLY E 86 8.75 25.49 -12.79
N LYS E 87 8.40 24.26 -13.13
CA LYS E 87 9.23 23.12 -12.77
C LYS E 87 10.39 23.03 -13.76
N PRO E 88 11.58 22.67 -13.27
CA PRO E 88 12.75 22.56 -14.16
C PRO E 88 12.74 21.26 -14.94
N TYR E 89 13.00 21.35 -16.24
CA TYR E 89 13.06 20.14 -17.06
C TYR E 89 14.14 20.38 -18.11
N ILE E 90 14.71 19.30 -18.62
CA ILE E 90 15.79 19.37 -19.59
C ILE E 90 15.43 19.02 -21.02
N ILE E 91 16.05 19.74 -21.96
CA ILE E 91 15.86 19.49 -23.38
C ILE E 91 17.24 19.36 -24.02
N CYS E 92 17.47 18.23 -24.68
CA CYS E 92 18.73 17.97 -25.36
C CYS E 92 18.43 17.33 -26.72
N THR E 93 18.64 18.09 -27.79
CA THR E 93 18.38 17.59 -29.13
C THR E 93 19.23 16.36 -29.46
N LYS E 94 20.48 16.36 -28.98
CA LYS E 94 21.40 15.25 -29.23
C LYS E 94 20.86 13.95 -28.66
N LEU E 95 19.79 14.04 -27.88
CA LEU E 95 19.19 12.86 -27.27
C LEU E 95 18.08 12.24 -28.09
N SER E 96 18.15 10.94 -28.28
CA SER E 96 17.15 10.19 -29.00
C SER E 96 15.87 10.26 -28.18
N PRO E 97 14.68 10.05 -28.78
CA PRO E 97 13.46 10.12 -27.99
C PRO E 97 13.61 9.46 -26.62
N ALA E 98 13.31 10.22 -25.58
CA ALA E 98 13.43 9.71 -24.23
C ALA E 98 12.78 10.65 -23.24
N ALA E 99 12.57 10.15 -22.02
CA ALA E 99 11.99 10.94 -20.96
C ALA E 99 13.19 11.29 -20.10
N VAL E 100 13.36 12.57 -19.80
CA VAL E 100 14.47 13.03 -18.99
C VAL E 100 13.88 13.59 -17.71
N HIS E 101 14.49 13.28 -16.58
CA HIS E 101 14.04 13.76 -15.29
C HIS E 101 15.22 14.41 -14.60
N VAL E 102 14.99 15.51 -13.89
CA VAL E 102 16.08 16.19 -13.22
C VAL E 102 15.60 16.74 -11.89
N SER E 103 16.54 16.94 -10.96
CA SER E 103 16.22 17.55 -9.68
C SER E 103 17.46 18.35 -9.31
N ILE E 104 17.28 19.57 -8.83
CA ILE E 104 18.41 20.42 -8.46
C ILE E 104 18.21 20.81 -7.00
N THR E 105 19.30 20.88 -6.25
CA THR E 105 19.25 21.24 -4.84
C THR E 105 20.43 22.16 -4.48
N HIS E 106 20.28 22.87 -3.37
CA HIS E 106 21.32 23.81 -2.94
C HIS E 106 21.52 23.81 -1.43
N THR E 107 22.72 24.19 -1.03
CA THR E 107 23.04 24.39 0.38
C THR E 107 23.78 25.72 0.34
N LYS E 108 24.28 26.18 1.48
CA LYS E 108 25.00 27.45 1.50
C LYS E 108 26.23 27.44 0.59
N GLU E 109 26.97 26.33 0.55
CA GLU E 109 28.20 26.26 -0.23
C GLU E 109 28.19 25.39 -1.47
N TYR E 110 27.11 24.64 -1.68
CA TYR E 110 27.05 23.72 -2.82
C TYR E 110 25.76 23.77 -3.61
N ALA E 111 25.87 23.32 -4.86
CA ALA E 111 24.72 23.15 -5.74
C ALA E 111 24.87 21.69 -6.17
N ALA E 112 23.76 20.97 -6.30
CA ALA E 112 23.84 19.58 -6.72
C ALA E 112 22.67 19.26 -7.61
N ALA E 113 22.82 18.24 -8.42
CA ALA E 113 21.75 17.84 -9.31
C ALA E 113 21.85 16.38 -9.69
N GLN E 114 20.73 15.78 -10.06
CA GLN E 114 20.76 14.41 -10.52
C GLN E 114 19.85 14.33 -11.72
N VAL E 115 20.14 13.38 -12.61
CA VAL E 115 19.34 13.22 -13.80
C VAL E 115 19.12 11.74 -14.06
N VAL E 116 17.96 11.39 -14.58
CA VAL E 116 17.67 10.02 -14.99
C VAL E 116 17.13 10.13 -16.42
N ILE E 117 17.70 9.36 -17.34
CA ILE E 117 17.24 9.35 -18.72
C ILE E 117 16.59 7.98 -18.96
N GLU E 118 15.36 7.96 -19.46
CA GLU E 118 14.65 6.71 -19.74
C GLU E 118 14.58 6.48 -21.24
N ARG E 119 14.92 5.27 -21.67
CA ARG E 119 14.86 4.92 -23.09
C ARG E 119 13.44 5.09 -23.61
N GLY F 2 7.09 4.98 -17.08
CA GLY F 2 8.10 4.51 -16.08
C GLY F 2 8.23 5.40 -14.86
N ILE F 3 9.13 6.38 -14.93
CA ILE F 3 9.35 7.27 -13.80
C ILE F 3 8.45 8.50 -13.87
N TYR F 4 7.81 8.82 -12.75
CA TYR F 4 6.96 10.00 -12.69
C TYR F 4 7.80 11.25 -12.40
N GLY F 5 8.67 11.14 -11.39
CA GLY F 5 9.53 12.26 -11.05
C GLY F 5 10.63 11.84 -10.09
N ILE F 6 11.67 12.67 -9.96
CA ILE F 6 12.77 12.38 -9.04
C ILE F 6 13.05 13.59 -8.18
N GLY F 7 13.69 13.37 -7.04
CA GLY F 7 13.98 14.47 -6.16
C GLY F 7 15.27 14.23 -5.41
N LEU F 8 16.04 15.29 -5.24
CA LEU F 8 17.32 15.21 -4.54
C LEU F 8 17.36 16.37 -3.55
N ASP F 9 17.89 16.10 -2.36
CA ASP F 9 18.03 17.17 -1.38
C ASP F 9 19.25 16.99 -0.51
N ILE F 10 19.97 18.08 -0.26
CA ILE F 10 21.12 18.03 0.63
C ILE F 10 20.79 19.07 1.68
N THR F 11 20.92 18.72 2.96
CA THR F 11 20.61 19.63 4.04
C THR F 11 21.79 19.75 5.00
N GLU F 12 22.09 20.99 5.38
CA GLU F 12 23.19 21.27 6.31
C GLU F 12 22.69 21.01 7.74
N LEU F 13 23.36 20.13 8.47
CA LEU F 13 22.94 19.83 9.85
C LEU F 13 22.85 21.10 10.70
N LYS F 14 23.83 22.00 10.53
CA LYS F 14 23.85 23.24 11.29
C LYS F 14 22.61 24.08 11.03
N ARG F 15 22.09 24.04 9.81
CA ARG F 15 20.90 24.81 9.47
C ARG F 15 19.66 24.22 10.14
N ILE F 16 19.57 22.89 10.21
CA ILE F 16 18.44 22.25 10.88
C ILE F 16 18.48 22.62 12.36
N ALA F 17 19.67 22.59 12.95
CA ALA F 17 19.81 22.94 14.37
C ALA F 17 19.38 24.39 14.62
N SER F 18 19.67 25.27 13.67
CA SER F 18 19.31 26.68 13.77
C SER F 18 17.80 26.89 13.67
N MET F 19 17.16 26.18 12.74
CA MET F 19 15.71 26.30 12.57
C MET F 19 14.99 25.76 13.79
N ALA F 20 15.49 24.65 14.33
CA ALA F 20 14.90 24.02 15.50
C ALA F 20 15.10 24.85 16.76
N GLY F 21 16.23 25.55 16.81
CA GLY F 21 16.52 26.37 17.97
C GLY F 21 15.73 27.66 17.96
N ARG F 22 15.32 28.11 16.78
CA ARG F 22 14.58 29.35 16.65
C ARG F 22 13.06 29.17 16.65
N GLN F 23 12.61 27.94 16.45
CA GLN F 23 11.18 27.68 16.43
C GLN F 23 10.74 26.83 17.61
N LYS F 24 9.43 26.79 17.85
CA LYS F 24 8.88 25.98 18.92
C LYS F 24 8.31 24.74 18.23
N ARG F 25 8.66 23.57 18.74
CA ARG F 25 8.18 22.32 18.17
C ARG F 25 8.48 22.13 16.68
N PHE F 26 9.71 22.43 16.28
CA PHE F 26 10.09 22.24 14.89
C PHE F 26 10.04 20.75 14.55
N ALA F 27 10.55 19.91 15.46
CA ALA F 27 10.54 18.47 15.24
C ALA F 27 9.12 17.95 15.10
N GLU F 28 8.21 18.47 15.91
CA GLU F 28 6.82 18.04 15.87
C GLU F 28 6.12 18.46 14.59
N ARG F 29 6.69 19.43 13.90
CA ARG F 29 6.11 19.91 12.64
C ARG F 29 6.58 19.04 11.48
N ILE F 30 7.84 18.63 11.54
CA ILE F 30 8.45 17.82 10.49
C ILE F 30 8.17 16.32 10.59
N LEU F 31 8.15 15.80 11.81
CA LEU F 31 7.98 14.37 12.05
C LEU F 31 6.58 13.89 12.44
N THR F 32 6.26 12.68 12.01
CA THR F 32 4.97 12.07 12.33
C THR F 32 5.06 11.41 13.70
N ARG F 33 3.95 10.86 14.17
CA ARG F 33 3.92 10.21 15.46
C ARG F 33 4.94 9.06 15.52
N SER F 34 4.94 8.21 14.49
CA SER F 34 5.85 7.07 14.42
C SER F 34 7.30 7.56 14.45
N GLU F 35 7.59 8.61 13.69
CA GLU F 35 8.93 9.16 13.63
C GLU F 35 9.34 9.79 14.95
N LEU F 36 8.42 10.55 15.56
CA LEU F 36 8.71 11.19 16.84
C LEU F 36 9.03 10.17 17.92
N ASP F 37 8.37 9.01 17.87
CA ASP F 37 8.62 7.97 18.87
C ASP F 37 10.09 7.56 18.85
N GLN F 38 10.68 7.47 17.66
CA GLN F 38 12.08 7.09 17.55
C GLN F 38 12.97 8.27 17.95
N TYR F 39 12.62 9.45 17.44
CA TYR F 39 13.35 10.68 17.71
C TYR F 39 13.56 10.94 19.20
N TYR F 40 12.49 10.89 19.97
CA TYR F 40 12.56 11.15 21.42
C TYR F 40 13.49 10.22 22.19
N GLU F 41 13.78 9.05 21.64
CA GLU F 41 14.66 8.11 22.33
C GLU F 41 16.12 8.30 21.96
N LEU F 42 16.42 9.31 21.14
CA LEU F 42 17.79 9.56 20.72
C LEU F 42 18.50 10.63 21.52
N SER F 43 19.83 10.64 21.42
CA SER F 43 20.66 11.62 22.10
C SER F 43 20.50 12.94 21.37
N GLU F 44 20.94 14.03 21.99
CA GLU F 44 20.82 15.35 21.37
C GLU F 44 21.49 15.37 20.00
N LYS F 45 22.65 14.73 19.90
CA LYS F 45 23.37 14.68 18.64
C LYS F 45 22.63 13.84 17.60
N ARG F 46 22.27 12.63 18.00
CA ARG F 46 21.55 11.71 17.11
C ARG F 46 20.22 12.30 16.67
N LYS F 47 19.60 13.13 17.52
CA LYS F 47 18.34 13.74 17.17
C LYS F 47 18.50 14.68 16.00
N ASN F 48 19.55 15.49 16.03
CA ASN F 48 19.79 16.43 14.94
C ASN F 48 20.04 15.65 13.63
N GLU F 49 20.80 14.56 13.72
CA GLU F 49 21.08 13.74 12.54
C GLU F 49 19.81 13.10 11.99
N PHE F 50 19.00 12.58 12.90
CA PHE F 50 17.74 11.92 12.53
C PHE F 50 16.79 12.92 11.88
N LEU F 51 16.59 14.06 12.52
CA LEU F 51 15.70 15.09 11.99
C LEU F 51 16.17 15.59 10.61
N ALA F 52 17.47 15.85 10.48
CA ALA F 52 18.03 16.34 9.22
C ALA F 52 17.81 15.31 8.09
N GLY F 53 18.00 14.04 8.40
CA GLY F 53 17.81 12.99 7.41
C GLY F 53 16.35 12.88 6.99
N ARG F 54 15.45 13.01 7.95
CA ARG F 54 14.01 12.94 7.66
C ARG F 54 13.58 14.17 6.87
N PHE F 55 14.13 15.31 7.24
CA PHE F 55 13.82 16.54 6.55
C PHE F 55 14.27 16.45 5.10
N ALA F 56 15.48 15.96 4.87
CA ALA F 56 15.98 15.84 3.49
C ALA F 56 15.15 14.83 2.71
N ALA F 57 14.79 13.73 3.34
CA ALA F 57 13.99 12.71 2.66
C ALA F 57 12.63 13.24 2.23
N LYS F 58 11.99 14.02 3.11
CA LYS F 58 10.68 14.57 2.78
C LYS F 58 10.77 15.67 1.72
N GLU F 59 11.82 16.49 1.80
CA GLU F 59 12.01 17.52 0.77
C GLU F 59 12.23 16.82 -0.57
N ALA F 60 13.08 15.78 -0.57
CA ALA F 60 13.35 15.06 -1.81
C ALA F 60 12.04 14.47 -2.36
N PHE F 61 11.25 13.89 -1.48
CA PHE F 61 9.98 13.30 -1.91
C PHE F 61 9.06 14.37 -2.50
N SER F 62 8.97 15.52 -1.84
CA SER F 62 8.11 16.61 -2.30
C SER F 62 8.51 17.10 -3.68
N LYS F 63 9.80 17.01 -3.99
CA LYS F 63 10.30 17.44 -5.29
C LYS F 63 9.96 16.40 -6.35
N ALA F 64 10.07 15.12 -6.00
CA ALA F 64 9.74 14.05 -6.93
C ALA F 64 8.24 14.09 -7.18
N PHE F 65 7.49 14.43 -6.14
CA PHE F 65 6.03 14.52 -6.22
C PHE F 65 5.61 15.67 -7.15
N GLY F 66 6.53 16.60 -7.38
CA GLY F 66 6.29 17.73 -8.26
C GLY F 66 5.69 18.99 -7.65
N THR F 67 5.34 18.94 -6.38
CA THR F 67 4.71 20.09 -5.70
C THR F 67 5.59 20.84 -4.70
N GLY F 68 6.52 20.14 -4.07
CA GLY F 68 7.33 20.77 -3.05
C GLY F 68 6.46 20.77 -1.80
N ILE F 69 7.01 21.16 -0.65
CA ILE F 69 6.20 21.19 0.57
C ILE F 69 5.37 22.47 0.55
N GLY F 70 4.06 22.33 0.72
CA GLY F 70 3.20 23.50 0.70
C GLY F 70 1.71 23.15 0.72
N ARG F 71 0.91 23.97 0.03
CA ARG F 71 -0.53 23.76 -0.02
C ARG F 71 -0.99 22.39 -0.47
N GLN F 72 -0.18 21.69 -1.28
CA GLN F 72 -0.57 20.37 -1.76
C GLN F 72 0.10 19.19 -1.07
N LEU F 73 1.08 19.45 -0.21
CA LEU F 73 1.80 18.37 0.48
C LEU F 73 2.49 18.91 1.73
N SER F 74 2.22 18.31 2.87
CA SER F 74 2.86 18.76 4.11
C SER F 74 3.84 17.69 4.57
N PHE F 75 4.74 18.06 5.48
CA PHE F 75 5.70 17.09 6.01
C PHE F 75 4.98 15.93 6.67
N GLN F 76 3.83 16.21 7.28
CA GLN F 76 3.05 15.17 7.97
C GLN F 76 2.45 14.12 7.05
N ASP F 77 2.31 14.45 5.77
CA ASP F 77 1.75 13.51 4.79
C ASP F 77 2.77 12.44 4.39
N ILE F 78 4.03 12.69 4.73
CA ILE F 78 5.11 11.77 4.36
C ILE F 78 5.72 11.08 5.58
N GLU F 79 5.82 9.76 5.54
CA GLU F 79 6.38 9.05 6.68
C GLU F 79 7.48 8.08 6.26
N ILE F 80 8.61 8.13 6.97
CA ILE F 80 9.70 7.21 6.67
C ILE F 80 9.75 6.14 7.74
N ARG F 81 9.82 4.89 7.33
CA ARG F 81 9.94 3.76 8.27
C ARG F 81 11.14 2.97 7.77
N LYS F 82 11.62 2.00 8.55
CA LYS F 82 12.76 1.18 8.11
C LYS F 82 12.34 -0.27 8.08
N ASP F 83 12.80 -1.02 7.08
CA ASP F 83 12.43 -2.43 6.99
C ASP F 83 13.33 -3.28 7.87
N GLN F 84 13.19 -4.60 7.77
CA GLN F 84 13.97 -5.52 8.60
C GLN F 84 15.48 -5.41 8.42
N ASN F 85 15.92 -4.93 7.26
CA ASN F 85 17.35 -4.77 7.01
C ASN F 85 17.83 -3.38 7.39
N GLY F 86 16.91 -2.51 7.79
CA GLY F 86 17.28 -1.16 8.16
C GLY F 86 17.18 -0.20 6.99
N LYS F 87 16.62 -0.69 5.88
CA LYS F 87 16.45 0.11 4.67
C LYS F 87 15.25 1.03 4.82
N PRO F 88 15.44 2.35 4.65
CA PRO F 88 14.29 3.25 4.79
C PRO F 88 13.32 3.17 3.60
N TYR F 89 12.03 3.35 3.87
CA TYR F 89 11.04 3.39 2.80
C TYR F 89 10.00 4.40 3.21
N ILE F 90 9.32 4.96 2.21
CA ILE F 90 8.34 5.99 2.44
C ILE F 90 6.90 5.53 2.22
N ILE F 91 5.98 6.03 3.04
CA ILE F 91 4.57 5.77 2.82
C ILE F 91 3.91 7.15 2.82
N CYS F 92 2.97 7.34 1.90
CA CYS F 92 2.25 8.59 1.75
C CYS F 92 0.86 8.25 1.18
N THR F 93 -0.20 8.66 1.87
CA THR F 93 -1.55 8.36 1.42
C THR F 93 -1.89 8.88 0.03
N LYS F 94 -1.08 9.80 -0.49
CA LYS F 94 -1.36 10.35 -1.81
C LYS F 94 -1.03 9.41 -2.96
N LEU F 95 -0.31 8.33 -2.67
CA LEU F 95 0.03 7.37 -3.73
C LEU F 95 0.41 6.01 -3.17
N SER F 96 0.53 5.04 -4.07
CA SER F 96 0.89 3.68 -3.69
C SER F 96 2.32 3.60 -3.20
N PRO F 97 2.55 2.90 -2.09
CA PRO F 97 3.89 2.78 -1.53
C PRO F 97 4.84 2.02 -2.47
N ALA F 98 4.28 1.17 -3.32
CA ALA F 98 5.09 0.41 -4.26
C ALA F 98 5.70 1.32 -5.32
N ALA F 99 5.17 2.52 -5.48
CA ALA F 99 5.67 3.46 -6.48
C ALA F 99 6.83 4.33 -5.99
N VAL F 100 7.12 4.27 -4.71
CA VAL F 100 8.17 5.12 -4.14
C VAL F 100 9.43 4.40 -3.70
N HIS F 101 10.57 5.07 -3.93
CA HIS F 101 11.88 4.55 -3.54
C HIS F 101 12.64 5.72 -2.94
N VAL F 102 13.43 5.44 -1.90
CA VAL F 102 14.19 6.51 -1.26
C VAL F 102 15.53 5.99 -0.73
N SER F 103 16.50 6.89 -0.58
CA SER F 103 17.79 6.54 0.00
C SER F 103 18.21 7.76 0.79
N ILE F 104 18.84 7.52 1.93
CA ILE F 104 19.29 8.61 2.80
C ILE F 104 20.76 8.35 3.13
N THR F 105 21.55 9.42 3.19
CA THR F 105 22.97 9.32 3.51
C THR F 105 23.36 10.49 4.44
N HIS F 106 24.51 10.36 5.10
CA HIS F 106 24.98 11.37 6.03
C HIS F 106 26.50 11.51 5.96
N THR F 107 26.98 12.68 6.35
CA THR F 107 28.41 12.95 6.50
C THR F 107 28.44 13.72 7.81
N LYS F 108 29.62 14.12 8.26
CA LYS F 108 29.68 14.85 9.52
C LYS F 108 28.80 16.11 9.55
N GLU F 109 28.79 16.87 8.46
CA GLU F 109 28.02 18.12 8.40
C GLU F 109 26.74 18.13 7.56
N TYR F 110 26.49 17.09 6.79
CA TYR F 110 25.31 17.07 5.94
C TYR F 110 24.48 15.82 6.01
N ALA F 111 23.21 15.96 5.60
CA ALA F 111 22.29 14.84 5.47
C ALA F 111 21.79 15.03 4.04
N ALA F 112 21.59 13.94 3.30
CA ALA F 112 21.10 14.06 1.94
C ALA F 112 20.16 12.90 1.64
N ALA F 113 19.28 13.09 0.67
CA ALA F 113 18.37 12.01 0.31
C ALA F 113 17.90 12.20 -1.11
N GLN F 114 17.44 11.11 -1.71
CA GLN F 114 16.90 11.19 -3.06
C GLN F 114 15.69 10.29 -3.09
N VAL F 115 14.74 10.61 -3.97
CA VAL F 115 13.52 9.83 -4.10
C VAL F 115 13.21 9.65 -5.56
N VAL F 116 12.66 8.49 -5.91
CA VAL F 116 12.21 8.27 -7.27
C VAL F 116 10.77 7.80 -7.12
N ILE F 117 9.88 8.39 -7.90
CA ILE F 117 8.48 7.98 -7.87
C ILE F 117 8.16 7.47 -9.26
N GLU F 118 7.63 6.26 -9.33
CA GLU F 118 7.28 5.64 -10.59
C GLU F 118 5.81 5.82 -10.91
N ARG F 119 5.48 5.72 -12.20
CA ARG F 119 4.10 5.78 -12.62
C ARG F 119 3.79 4.29 -12.74
N LEU F 120 2.89 3.78 -11.91
CA LEU F 120 2.56 2.35 -11.96
C LEU F 120 1.53 2.06 -13.04
#